data_4S2C
#
_entry.id   4S2C
#
_cell.length_a   67.656
_cell.length_b   91.152
_cell.length_c   130.725
_cell.angle_alpha   90.00
_cell.angle_beta   90.00
_cell.angle_gamma   90.00
#
_symmetry.space_group_name_H-M   'P 21 21 21'
#
loop_
_entity.id
_entity.type
_entity.pdbx_description
1 polymer 'Transaldolase B'
2 non-polymer 'FRUCTOSE -6-PHOSPHATE'
3 non-polymer 1,2-ETHANEDIOL
4 water water
#
_entity_poly.entity_id   1
_entity_poly.type   'polypeptide(L)'
_entity_poly.pdbx_seq_one_letter_code
;MGSSHHHHHHSSGLVPRGSHMTDKLTSLRQYTTVVADTGDIAAMKLYQPQDATTNPSLILNAAQIPEYRKLIDDAVAWAK
QQSNDRAQQIVDATDKLAVNIGLEILKLVPGRISTQVDARLSYDTEASIAKAKRLIKLYNDAGISNDRILIKLASTWQGI
RAAEQLEKEGINCNLTLLFSFAQARACAEAGVFLISPFVGRILDWYKANTDKKEYAPAEDPGVVSVSEIYQYYKEHGYET
VVMGASFRNIGEILELAGCDRLTIAPTLLKELAESEGAIERKLSYTGEVKARPARITESEFLWQHNQDPMAVDKLAEGIR
KFAIDQEKLEKMIGDLL
;
_entity_poly.pdbx_strand_id   A,B
#
loop_
_chem_comp.id
_chem_comp.type
_chem_comp.name
_chem_comp.formula
EDO non-polymer 1,2-ETHANEDIOL 'C2 H6 O2'
F6R non-polymer 'FRUCTOSE -6-PHOSPHATE' 'C6 H13 O9 P'
#
# COMPACT_ATOMS: atom_id res chain seq x y z
N THR A 22 -32.47 -26.54 20.37
CA THR A 22 -31.00 -26.40 20.65
C THR A 22 -30.48 -25.02 20.20
N ASP A 23 -29.16 -24.93 20.00
CA ASP A 23 -28.45 -23.66 19.98
C ASP A 23 -27.93 -23.24 18.59
N LYS A 24 -27.58 -21.97 18.49
CA LYS A 24 -27.14 -21.38 17.24
C LYS A 24 -25.79 -21.91 16.76
N LEU A 25 -24.93 -22.31 17.68
CA LEU A 25 -23.65 -22.89 17.31
C LEU A 25 -23.84 -24.25 16.64
N THR A 26 -24.72 -25.07 17.21
CA THR A 26 -25.04 -26.37 16.63
C THR A 26 -25.77 -26.22 15.28
N SER A 27 -26.66 -25.25 15.19
CA SER A 27 -27.34 -25.00 13.93
C SER A 27 -26.33 -24.55 12.85
N LEU A 28 -25.38 -23.71 13.19
CA LEU A 28 -24.38 -23.20 12.24
C LEU A 28 -23.52 -24.31 11.64
N ARG A 29 -23.15 -25.27 12.47
CA ARG A 29 -22.32 -26.39 12.05
C ARG A 29 -23.01 -27.30 11.02
N GLN A 30 -24.32 -27.18 10.87
CA GLN A 30 -25.01 -27.86 9.78
C GLN A 30 -24.54 -27.34 8.43
N TYR A 31 -24.18 -26.05 8.38
CA TYR A 31 -23.93 -25.33 7.12
C TYR A 31 -22.48 -24.99 6.84
N THR A 32 -21.71 -24.88 7.92
CA THR A 32 -20.42 -24.29 7.89
C THR A 32 -19.53 -25.07 8.83
N THR A 33 -18.30 -25.29 8.42
CA THR A 33 -17.32 -25.91 9.28
C THR A 33 -16.80 -24.85 10.24
N VAL A 34 -16.89 -25.12 11.52
CA VAL A 34 -16.53 -24.14 12.53
C VAL A 34 -15.10 -24.37 12.98
N VAL A 35 -14.35 -23.27 13.03
CA VAL A 35 -12.94 -23.28 13.36
C VAL A 35 -12.72 -22.37 14.56
N ALA A 36 -11.84 -22.75 15.47
CA ALA A 36 -11.59 -21.95 16.66
C ALA A 36 -10.40 -21.04 16.44
N ASP A 37 -10.62 -19.75 16.64
CA ASP A 37 -9.60 -18.72 16.48
C ASP A 37 -8.97 -18.40 17.84
N THR A 38 -8.01 -19.24 18.24
CA THR A 38 -7.34 -19.09 19.53
C THR A 38 -6.19 -20.08 19.64
N GLY A 39 -5.19 -19.73 20.43
CA GLY A 39 -4.14 -20.66 20.80
C GLY A 39 -4.42 -21.45 22.09
N ASP A 40 -5.63 -21.31 22.65
CA ASP A 40 -5.97 -21.90 23.96
C ASP A 40 -6.67 -23.23 23.86
N ILE A 41 -6.01 -24.28 24.35
CA ILE A 41 -6.54 -25.64 24.31
C ILE A 41 -7.87 -25.84 25.04
N ALA A 42 -8.09 -25.11 26.12
CA ALA A 42 -9.38 -25.18 26.83
C ALA A 42 -10.55 -24.99 25.85
N ALA A 43 -10.43 -24.02 24.95
CA ALA A 43 -11.46 -23.74 23.97
C ALA A 43 -11.69 -24.91 23.02
N MET A 44 -10.63 -25.69 22.76
CA MET A 44 -10.75 -26.82 21.85
C MET A 44 -11.53 -27.94 22.53
N LYS A 45 -11.24 -28.18 23.82
CA LYS A 45 -11.98 -29.19 24.59
C LYS A 45 -13.46 -28.85 24.64
N LEU A 46 -13.73 -27.57 24.87
CA LEU A 46 -15.08 -27.09 25.10
C LEU A 46 -15.96 -27.08 23.85
N TYR A 47 -15.46 -26.53 22.74
CA TYR A 47 -16.27 -26.37 21.51
C TYR A 47 -15.98 -27.41 20.41
N GLN A 48 -14.90 -28.17 20.54
CA GLN A 48 -14.62 -29.28 19.64
C GLN A 48 -14.73 -28.86 18.16
N PRO A 49 -13.93 -27.86 17.75
CA PRO A 49 -13.94 -27.40 16.37
C PRO A 49 -13.23 -28.36 15.44
N GLN A 50 -13.52 -28.27 14.14
CA GLN A 50 -12.85 -29.11 13.14
CA GLN A 50 -12.85 -29.11 13.14
C GLN A 50 -11.38 -28.74 13.01
N ASP A 51 -11.11 -27.44 12.90
CA ASP A 51 -9.77 -26.89 12.75
C ASP A 51 -9.55 -25.81 13.81
N ALA A 52 -8.31 -25.33 13.95
CA ALA A 52 -7.99 -24.12 14.72
C ALA A 52 -7.06 -23.19 13.94
N THR A 53 -7.15 -21.89 14.23
CA THR A 53 -6.24 -20.89 13.70
C THR A 53 -5.53 -20.17 14.84
N THR A 54 -4.23 -19.98 14.67
CA THR A 54 -3.46 -19.03 15.45
C THR A 54 -2.90 -17.95 14.54
N ASN A 55 -2.35 -16.94 15.17
CA ASN A 55 -1.60 -15.90 14.51
C ASN A 55 -0.64 -15.43 15.60
N PRO A 56 0.29 -14.54 15.26
CA PRO A 56 1.31 -14.13 16.25
C PRO A 56 0.77 -13.41 17.48
N SER A 57 -0.32 -12.69 17.37
CA SER A 57 -0.91 -12.04 18.56
C SER A 57 -1.47 -13.11 19.47
N LEU A 58 -2.16 -14.08 18.89
CA LEU A 58 -2.73 -15.18 19.66
C LEU A 58 -1.63 -16.06 20.25
N ILE A 59 -0.52 -16.21 19.53
CA ILE A 59 0.63 -16.95 20.06
C ILE A 59 1.21 -16.17 21.25
N LEU A 60 1.36 -14.86 21.12
CA LEU A 60 1.81 -14.01 22.21
C LEU A 60 0.90 -14.12 23.45
N ASN A 61 -0.40 -14.03 23.26
CA ASN A 61 -1.34 -14.18 24.37
C ASN A 61 -1.31 -15.58 24.99
N ALA A 62 -1.21 -16.61 24.14
CA ALA A 62 -1.16 -17.99 24.65
C ALA A 62 0.07 -18.26 25.52
N ALA A 63 1.19 -17.61 25.17
CA ALA A 63 2.40 -17.71 25.95
C ALA A 63 2.28 -17.19 27.37
N GLN A 64 1.20 -16.49 27.68
CA GLN A 64 0.98 -15.99 29.04
C GLN A 64 0.25 -17.03 29.88
N ILE A 65 -0.39 -17.99 29.24
CA ILE A 65 -1.07 -19.06 29.98
C ILE A 65 0.01 -19.83 30.74
N PRO A 66 -0.15 -19.95 32.09
CA PRO A 66 0.82 -20.65 32.96
C PRO A 66 1.10 -22.10 32.60
N GLU A 67 0.06 -22.84 32.22
CA GLU A 67 0.20 -24.23 31.79
C GLU A 67 1.04 -24.40 30.51
N TYR A 68 1.28 -23.30 29.80
CA TYR A 68 2.06 -23.28 28.57
C TYR A 68 3.54 -22.95 28.81
N ARG A 69 3.95 -22.79 30.08
CA ARG A 69 5.34 -22.48 30.43
C ARG A 69 6.24 -23.65 29.99
N LYS A 70 5.72 -24.87 30.12
CA LYS A 70 6.45 -26.08 29.74
C LYS A 70 6.76 -26.07 28.23
N LEU A 71 5.87 -25.49 27.43
CA LEU A 71 6.05 -25.39 25.97
C LEU A 71 7.10 -24.34 25.59
N ILE A 72 7.21 -23.29 26.39
CA ILE A 72 8.21 -22.25 26.19
C ILE A 72 9.57 -22.82 26.58
N ASP A 73 9.58 -23.52 27.70
CA ASP A 73 10.77 -24.24 28.18
C ASP A 73 11.26 -25.28 27.17
N ASP A 74 10.37 -26.11 26.61
CA ASP A 74 10.81 -27.03 25.56
C ASP A 74 11.39 -26.24 24.39
N ALA A 75 10.69 -25.21 23.93
CA ALA A 75 11.15 -24.43 22.78
C ALA A 75 12.53 -23.81 23.00
N VAL A 76 12.76 -23.25 24.18
CA VAL A 76 14.03 -22.60 24.50
C VAL A 76 15.16 -23.62 24.61
N ALA A 77 14.85 -24.77 25.18
CA ALA A 77 15.84 -25.85 25.29
C ALA A 77 16.19 -26.42 23.91
N TRP A 78 15.18 -26.60 23.06
CA TRP A 78 15.40 -27.13 21.71
C TRP A 78 16.27 -26.16 20.90
N ALA A 79 15.96 -24.87 21.00
CA ALA A 79 16.74 -23.83 20.33
C ALA A 79 18.23 -23.83 20.70
N LYS A 80 18.49 -24.02 21.99
CA LYS A 80 19.87 -24.06 22.49
C LYS A 80 20.63 -25.27 21.98
N GLN A 81 19.89 -26.34 21.70
CA GLN A 81 20.43 -27.54 21.08
C GLN A 81 20.72 -27.37 19.58
N GLN A 82 20.08 -26.40 18.92
CA GLN A 82 20.25 -26.22 17.47
C GLN A 82 21.42 -25.32 17.11
N SER A 83 21.84 -24.44 18.01
CA SER A 83 22.94 -23.54 17.67
C SER A 83 23.47 -22.90 18.93
N ASN A 84 24.63 -22.24 18.79
CA ASN A 84 25.25 -21.51 19.89
C ASN A 84 25.20 -20.00 19.68
N ASP A 85 24.47 -19.55 18.66
CA ASP A 85 24.36 -18.12 18.33
C ASP A 85 23.05 -17.55 18.91
N ARG A 86 23.13 -16.42 19.59
CA ARG A 86 22.00 -15.85 20.33
C ARG A 86 20.85 -15.42 19.41
N ALA A 87 21.17 -14.70 18.35
CA ALA A 87 20.14 -14.26 17.40
C ALA A 87 19.38 -15.45 16.83
N GLN A 88 20.09 -16.49 16.43
CA GLN A 88 19.48 -17.69 15.85
C GLN A 88 18.66 -18.45 16.90
N GLN A 89 19.07 -18.38 18.16
CA GLN A 89 18.34 -19.09 19.23
C GLN A 89 17.00 -18.47 19.50
N ILE A 90 16.97 -17.14 19.51
CA ILE A 90 15.72 -16.41 19.66
C ILE A 90 14.77 -16.79 18.52
N VAL A 91 15.25 -16.75 17.27
CA VAL A 91 14.42 -17.11 16.11
C VAL A 91 13.91 -18.55 16.21
N ASP A 92 14.82 -19.46 16.51
CA ASP A 92 14.48 -20.87 16.65
C ASP A 92 13.46 -21.12 17.75
N ALA A 93 13.64 -20.46 18.89
CA ALA A 93 12.74 -20.66 20.02
C ALA A 93 11.33 -20.16 19.71
N THR A 94 11.21 -19.00 19.07
CA THR A 94 9.89 -18.47 18.72
C THR A 94 9.20 -19.39 17.71
N ASP A 95 9.95 -19.90 16.73
CA ASP A 95 9.37 -20.82 15.77
C ASP A 95 8.89 -22.09 16.47
N LYS A 96 9.75 -22.64 17.32
CA LYS A 96 9.44 -23.88 18.01
C LYS A 96 8.29 -23.68 18.98
N LEU A 97 8.18 -22.49 19.53
CA LEU A 97 7.07 -22.23 20.44
C LEU A 97 5.75 -22.26 19.68
N ALA A 98 5.71 -21.56 18.55
CA ALA A 98 4.50 -21.52 17.72
C ALA A 98 4.06 -22.93 17.28
N VAL A 99 5.05 -23.77 16.99
CA VAL A 99 4.78 -25.15 16.59
C VAL A 99 4.31 -26.00 17.78
N ASN A 100 4.97 -25.83 18.92
CA ASN A 100 4.60 -26.56 20.13
C ASN A 100 3.14 -26.33 20.49
N ILE A 101 2.72 -25.08 20.42
CA ILE A 101 1.30 -24.73 20.58
C ILE A 101 0.41 -25.43 19.53
N GLY A 102 0.83 -25.38 18.28
CA GLY A 102 0.12 -26.11 17.24
C GLY A 102 0.00 -27.59 17.54
N LEU A 103 1.08 -28.20 18.00
CA LEU A 103 1.05 -29.63 18.37
C LEU A 103 0.08 -29.94 19.50
N GLU A 104 0.03 -29.09 20.52
CA GLU A 104 -0.96 -29.30 21.59
C GLU A 104 -2.37 -29.25 21.03
N ILE A 105 -2.63 -28.29 20.16
CA ILE A 105 -3.95 -28.14 19.56
C ILE A 105 -4.34 -29.31 18.67
N LEU A 106 -3.35 -29.89 17.98
CA LEU A 106 -3.63 -31.00 17.04
C LEU A 106 -4.05 -32.25 17.78
N LYS A 107 -3.65 -32.37 19.05
CA LYS A 107 -4.11 -33.48 19.88
C LYS A 107 -5.63 -33.42 20.08
N LEU A 108 -6.19 -32.23 19.93
CA LEU A 108 -7.58 -31.98 20.29
C LEU A 108 -8.49 -31.62 19.15
N VAL A 109 -7.96 -31.38 17.95
CA VAL A 109 -8.82 -31.15 16.81
C VAL A 109 -8.43 -32.18 15.75
N PRO A 110 -9.44 -32.68 15.04
CA PRO A 110 -9.23 -33.71 14.03
C PRO A 110 -8.66 -33.13 12.74
N GLY A 111 -8.82 -31.83 12.54
CA GLY A 111 -8.48 -31.20 11.26
C GLY A 111 -7.15 -30.47 11.26
N ARG A 112 -7.15 -29.24 10.78
CA ARG A 112 -5.91 -28.50 10.60
C ARG A 112 -5.62 -27.49 11.67
N ILE A 113 -4.32 -27.19 11.82
CA ILE A 113 -3.85 -26.04 12.58
C ILE A 113 -3.27 -25.04 11.58
N SER A 114 -3.59 -23.76 11.75
CA SER A 114 -2.93 -22.69 11.01
C SER A 114 -1.89 -22.02 11.88
N THR A 115 -0.71 -21.88 11.30
CA THR A 115 0.43 -21.29 11.95
C THR A 115 1.01 -20.27 10.98
N GLN A 116 1.15 -19.04 11.46
CA GLN A 116 1.56 -17.94 10.61
C GLN A 116 3.07 -17.75 10.60
N VAL A 117 3.60 -17.47 9.42
CA VAL A 117 5.02 -17.10 9.28
C VAL A 117 5.27 -15.69 9.80
N ASP A 118 6.48 -15.46 10.29
CA ASP A 118 6.94 -14.13 10.67
C ASP A 118 6.42 -13.03 9.70
N ALA A 119 5.65 -12.09 10.24
CA ALA A 119 5.06 -11.07 9.39
C ALA A 119 6.10 -10.11 8.83
N ARG A 120 7.30 -10.06 9.43
CA ARG A 120 8.40 -9.27 8.88
C ARG A 120 8.85 -9.74 7.49
N LEU A 121 8.38 -10.91 7.09
CA LEU A 121 8.69 -11.50 5.80
C LEU A 121 7.61 -11.33 4.73
N SER A 122 6.55 -10.59 5.05
CA SER A 122 5.41 -10.46 4.18
C SER A 122 5.65 -9.91 2.78
N TYR A 123 6.70 -9.12 2.58
CA TYR A 123 7.01 -8.62 1.25
C TYR A 123 8.25 -9.28 0.64
N ASP A 124 8.62 -10.45 1.14
CA ASP A 124 9.77 -11.20 0.64
C ASP A 124 9.37 -12.64 0.35
N THR A 125 9.15 -12.93 -0.93
CA THR A 125 8.65 -14.24 -1.37
C THR A 125 9.59 -15.38 -0.96
N GLU A 126 10.88 -15.22 -1.26
CA GLU A 126 11.84 -16.30 -0.98
C GLU A 126 12.03 -16.55 0.53
N ALA A 127 12.11 -15.50 1.33
CA ALA A 127 12.26 -15.68 2.77
C ALA A 127 10.99 -16.33 3.36
N SER A 128 9.83 -15.99 2.80
CA SER A 128 8.56 -16.55 3.24
C SER A 128 8.45 -18.01 2.89
N ILE A 129 8.85 -18.37 1.67
CA ILE A 129 8.90 -19.77 1.29
C ILE A 129 9.83 -20.56 2.22
N ALA A 130 11.02 -20.02 2.45
CA ALA A 130 11.98 -20.64 3.38
C ALA A 130 11.42 -20.81 4.78
N LYS A 131 10.79 -19.77 5.31
CA LYS A 131 10.23 -19.87 6.65
C LYS A 131 9.09 -20.88 6.70
N ALA A 132 8.23 -20.88 5.68
CA ALA A 132 7.15 -21.85 5.61
C ALA A 132 7.68 -23.27 5.67
N LYS A 133 8.75 -23.51 4.92
CA LYS A 133 9.37 -24.84 4.90
C LYS A 133 9.97 -25.20 6.24
N ARG A 134 10.57 -24.21 6.88
CA ARG A 134 11.16 -24.40 8.19
C ARG A 134 10.07 -24.89 9.17
N LEU A 135 8.90 -24.25 9.14
CA LEU A 135 7.82 -24.61 10.03
C LEU A 135 7.25 -25.98 9.70
N ILE A 136 7.11 -26.26 8.42
CA ILE A 136 6.64 -27.55 8.00
C ILE A 136 7.59 -28.65 8.46
N LYS A 137 8.88 -28.40 8.41
CA LYS A 137 9.86 -29.38 8.85
C LYS A 137 9.69 -29.66 10.32
N LEU A 138 9.56 -28.59 11.11
CA LEU A 138 9.40 -28.73 12.55
C LEU A 138 8.18 -29.62 12.88
N TYR A 139 7.06 -29.39 12.21
CA TYR A 139 5.86 -30.26 12.35
C TYR A 139 6.10 -31.72 11.90
N ASN A 140 6.73 -31.88 10.73
CA ASN A 140 7.07 -33.20 10.20
C ASN A 140 7.98 -33.97 11.16
N ASP A 141 8.96 -33.27 11.72
CA ASP A 141 9.91 -33.87 12.68
C ASP A 141 9.22 -34.34 13.94
N ALA A 142 8.10 -33.70 14.26
CA ALA A 142 7.30 -34.12 15.40
C ALA A 142 6.24 -35.17 15.02
N GLY A 143 6.24 -35.63 13.78
CA GLY A 143 5.37 -36.73 13.35
C GLY A 143 4.10 -36.31 12.65
N ILE A 144 3.95 -35.01 12.38
CA ILE A 144 2.74 -34.46 11.80
C ILE A 144 2.94 -34.27 10.32
N SER A 145 2.02 -34.80 9.52
CA SER A 145 2.13 -34.67 8.08
C SER A 145 1.39 -33.42 7.59
N ASN A 146 1.66 -33.05 6.34
CA ASN A 146 1.30 -31.75 5.79
C ASN A 146 -0.19 -31.51 5.65
N ASP A 147 -0.96 -32.60 5.56
CA ASP A 147 -2.42 -32.48 5.52
C ASP A 147 -3.09 -32.06 6.85
N ARG A 148 -2.30 -31.89 7.91
CA ARG A 148 -2.79 -31.36 9.19
C ARG A 148 -2.45 -29.88 9.39
N ILE A 149 -1.78 -29.27 8.42
CA ILE A 149 -1.22 -27.94 8.63
C ILE A 149 -1.64 -26.96 7.54
N LEU A 150 -1.83 -25.69 7.92
CA LEU A 150 -1.88 -24.60 6.95
C LEU A 150 -0.90 -23.59 7.42
N ILE A 151 -0.01 -23.20 6.52
CA ILE A 151 0.90 -22.12 6.80
C ILE A 151 0.20 -20.83 6.39
N LYS A 152 0.14 -19.89 7.33
CA LYS A 152 -0.54 -18.61 7.14
C LYS A 152 0.44 -17.60 6.61
N LEU A 153 0.04 -16.92 5.55
CA LEU A 153 0.86 -15.88 4.94
C LEU A 153 -0.03 -14.73 4.66
N ALA A 154 0.51 -13.53 4.80
CA ALA A 154 -0.23 -12.35 4.41
C ALA A 154 -0.41 -12.32 2.90
N SER A 155 -1.59 -11.90 2.49
CA SER A 155 -1.99 -11.84 1.09
C SER A 155 -1.40 -10.65 0.34
N THR A 156 -0.10 -10.40 0.47
CA THR A 156 0.54 -9.46 -0.39
C THR A 156 0.78 -10.19 -1.70
N TRP A 157 1.10 -9.48 -2.76
CA TRP A 157 1.52 -10.14 -3.98
C TRP A 157 2.61 -11.15 -3.67
N GLN A 158 3.53 -10.77 -2.80
CA GLN A 158 4.67 -11.61 -2.50
C GLN A 158 4.27 -12.86 -1.74
N GLY A 159 3.32 -12.73 -0.82
CA GLY A 159 2.82 -13.88 -0.06
C GLY A 159 2.04 -14.85 -0.93
N ILE A 160 1.31 -14.30 -1.88
CA ILE A 160 0.51 -15.08 -2.79
C ILE A 160 1.41 -15.87 -3.74
N ARG A 161 2.52 -15.27 -4.15
CA ARG A 161 3.54 -15.95 -4.96
C ARG A 161 4.23 -17.01 -4.15
N ALA A 162 4.58 -16.71 -2.91
CA ALA A 162 5.10 -17.74 -2.01
C ALA A 162 4.15 -18.92 -1.93
N ALA A 163 2.85 -18.66 -1.72
CA ALA A 163 1.84 -19.70 -1.56
C ALA A 163 1.70 -20.54 -2.81
N GLU A 164 1.69 -19.90 -3.97
CA GLU A 164 1.57 -20.63 -5.24
C GLU A 164 2.67 -21.66 -5.34
N GLN A 165 3.88 -21.28 -4.99
CA GLN A 165 5.01 -22.19 -5.04
C GLN A 165 4.89 -23.26 -3.94
N LEU A 166 4.58 -22.86 -2.70
CA LEU A 166 4.45 -23.81 -1.63
C LEU A 166 3.41 -24.87 -1.96
N GLU A 167 2.28 -24.47 -2.55
CA GLU A 167 1.24 -25.46 -2.89
C GLU A 167 1.82 -26.50 -3.86
N LYS A 168 2.67 -26.08 -4.78
CA LYS A 168 3.28 -27.03 -5.72
C LYS A 168 4.25 -27.99 -5.08
N GLU A 169 4.78 -27.62 -3.93
CA GLU A 169 5.65 -28.50 -3.18
C GLU A 169 4.93 -29.28 -2.09
N GLY A 170 3.60 -29.32 -2.16
CA GLY A 170 2.78 -30.10 -1.22
C GLY A 170 2.58 -29.44 0.14
N ILE A 171 2.79 -28.12 0.24
CA ILE A 171 2.53 -27.39 1.48
C ILE A 171 1.27 -26.54 1.28
N ASN A 172 0.24 -26.79 2.07
CA ASN A 172 -1.02 -26.06 1.97
C ASN A 172 -0.98 -24.79 2.80
N CYS A 173 -1.59 -23.74 2.27
CA CYS A 173 -1.46 -22.40 2.84
C CYS A 173 -2.81 -21.78 3.16
N ASN A 174 -2.80 -20.85 4.12
CA ASN A 174 -3.97 -20.08 4.52
C ASN A 174 -3.62 -18.62 4.25
N LEU A 175 -4.27 -18.02 3.25
CA LEU A 175 -3.90 -16.69 2.83
C LEU A 175 -4.71 -15.71 3.62
N THR A 176 -4.03 -14.96 4.47
CA THR A 176 -4.71 -14.12 5.44
C THR A 176 -4.62 -12.61 5.15
N LEU A 177 -5.24 -11.82 6.02
CA LEU A 177 -5.30 -10.38 5.85
C LEU A 177 -5.82 -10.01 4.45
N LEU A 178 -6.86 -10.70 4.06
CA LEU A 178 -7.41 -10.53 2.74
C LEU A 178 -8.58 -9.53 2.78
N PHE A 179 -8.38 -8.37 2.15
CA PHE A 179 -9.35 -7.26 2.17
C PHE A 179 -9.91 -6.83 0.82
N SER A 180 -9.09 -6.86 -0.23
CA SER A 180 -9.51 -6.36 -1.54
C SER A 180 -9.92 -7.50 -2.47
N PHE A 181 -10.74 -7.18 -3.47
CA PHE A 181 -11.14 -8.15 -4.45
C PHE A 181 -9.90 -8.63 -5.26
N ALA A 182 -8.97 -7.73 -5.47
CA ALA A 182 -7.74 -8.04 -6.15
C ALA A 182 -7.02 -9.16 -5.42
N GLN A 183 -6.91 -9.03 -4.12
CA GLN A 183 -6.32 -10.07 -3.29
C GLN A 183 -7.05 -11.40 -3.42
N ALA A 184 -8.39 -11.38 -3.34
CA ALA A 184 -9.20 -12.58 -3.51
C ALA A 184 -9.02 -13.24 -4.89
N ARG A 185 -8.99 -12.42 -5.95
CA ARG A 185 -8.82 -12.97 -7.28
C ARG A 185 -7.43 -13.59 -7.44
N ALA A 186 -6.40 -12.90 -6.97
CA ALA A 186 -5.04 -13.39 -7.11
C ALA A 186 -4.85 -14.73 -6.38
N CYS A 187 -5.37 -14.84 -5.16
CA CYS A 187 -5.30 -16.09 -4.39
C CYS A 187 -6.01 -17.24 -5.10
N ALA A 188 -7.18 -16.99 -5.69
CA ALA A 188 -7.92 -18.05 -6.44
C ALA A 188 -7.09 -18.55 -7.60
N GLU A 189 -6.53 -17.60 -8.33
CA GLU A 189 -5.78 -17.91 -9.53
C GLU A 189 -4.45 -18.61 -9.21
N ALA A 190 -3.92 -18.37 -8.01
CA ALA A 190 -2.72 -19.07 -7.54
C ALA A 190 -2.98 -20.50 -7.03
N GLY A 191 -4.25 -20.89 -6.94
CA GLY A 191 -4.60 -22.22 -6.49
C GLY A 191 -4.27 -22.46 -5.02
N VAL A 192 -4.38 -21.42 -4.18
CA VAL A 192 -4.07 -21.62 -2.77
C VAL A 192 -5.13 -22.52 -2.09
N PHE A 193 -4.74 -23.22 -1.03
CA PHE A 193 -5.67 -24.12 -0.36
C PHE A 193 -6.88 -23.39 0.25
N LEU A 194 -6.62 -22.28 0.92
CA LEU A 194 -7.66 -21.58 1.67
C LEU A 194 -7.32 -20.10 1.78
N ILE A 195 -8.37 -19.28 1.76
CA ILE A 195 -8.29 -17.86 2.05
C ILE A 195 -9.05 -17.49 3.33
N SER A 196 -8.55 -16.47 4.03
CA SER A 196 -9.18 -15.94 5.24
C SER A 196 -9.53 -14.47 5.01
N PRO A 197 -10.60 -14.23 4.24
CA PRO A 197 -11.13 -12.88 4.10
C PRO A 197 -11.62 -12.38 5.45
N PHE A 198 -11.23 -11.17 5.80
CA PHE A 198 -11.50 -10.58 7.11
C PHE A 198 -12.86 -9.86 7.08
N VAL A 199 -13.56 -9.90 8.20
CA VAL A 199 -14.86 -9.25 8.30
C VAL A 199 -14.78 -8.09 9.27
N GLY A 200 -14.36 -8.36 10.48
CA GLY A 200 -14.44 -7.38 11.57
C GLY A 200 -13.53 -6.18 11.39
N ARG A 201 -12.34 -6.41 10.86
CA ARG A 201 -11.43 -5.30 10.60
C ARG A 201 -11.95 -4.41 9.51
N ILE A 202 -12.71 -4.97 8.58
CA ILE A 202 -13.34 -4.14 7.58
C ILE A 202 -14.37 -3.25 8.26
N LEU A 203 -15.18 -3.83 9.12
CA LEU A 203 -16.14 -3.04 9.87
C LEU A 203 -15.41 -1.96 10.65
N ASP A 204 -14.32 -2.32 11.33
CA ASP A 204 -13.51 -1.36 12.12
C ASP A 204 -13.14 -0.15 11.28
N TRP A 205 -12.70 -0.40 10.05
CA TRP A 205 -12.28 0.69 9.17
C TRP A 205 -13.44 1.59 8.81
N TYR A 206 -14.58 1.00 8.49
CA TYR A 206 -15.72 1.82 8.09
C TYR A 206 -16.22 2.71 9.22
N LYS A 207 -16.22 2.18 10.44
CA LYS A 207 -16.57 2.96 11.60
C LYS A 207 -15.67 4.19 11.71
N ALA A 208 -14.35 3.93 11.69
CA ALA A 208 -13.36 4.98 11.86
C ALA A 208 -13.24 5.96 10.69
N ASN A 209 -13.70 5.60 9.49
CA ASN A 209 -13.50 6.46 8.31
C ASN A 209 -14.75 6.93 7.54
N THR A 210 -15.94 6.58 8.01
CA THR A 210 -17.16 7.11 7.41
C THR A 210 -18.10 7.62 8.50
N ASP A 211 -19.18 8.26 8.06
CA ASP A 211 -20.17 8.82 8.97
C ASP A 211 -20.95 7.71 9.66
N LYS A 212 -21.30 6.69 8.89
CA LYS A 212 -22.07 5.52 9.34
C LYS A 212 -21.26 4.65 10.32
N LYS A 213 -21.68 4.62 11.58
CA LYS A 213 -20.98 3.92 12.66
C LYS A 213 -21.66 2.63 13.09
N GLU A 214 -22.87 2.37 12.60
CA GLU A 214 -23.57 1.13 12.90
C GLU A 214 -24.27 0.55 11.69
N TYR A 215 -24.21 -0.78 11.60
CA TYR A 215 -24.58 -1.52 10.41
C TYR A 215 -25.47 -2.71 10.74
N ALA A 216 -26.56 -2.86 9.99
CA ALA A 216 -27.35 -4.09 10.02
C ALA A 216 -26.44 -5.20 9.47
N PRO A 217 -26.59 -6.43 9.97
CA PRO A 217 -25.69 -7.51 9.55
C PRO A 217 -25.56 -7.67 8.03
N ALA A 218 -26.67 -7.62 7.29
CA ALA A 218 -26.60 -7.70 5.82
C ALA A 218 -25.89 -6.49 5.17
N GLU A 219 -25.84 -5.34 5.84
CA GLU A 219 -25.12 -4.16 5.34
C GLU A 219 -23.65 -4.08 5.82
N ASP A 220 -23.23 -4.98 6.69
CA ASP A 220 -21.90 -4.91 7.27
C ASP A 220 -20.93 -5.09 6.11
N PRO A 221 -20.05 -4.11 5.87
CA PRO A 221 -19.21 -4.18 4.68
C PRO A 221 -18.22 -5.36 4.69
N GLY A 222 -17.84 -5.83 5.88
CA GLY A 222 -17.11 -7.09 6.00
C GLY A 222 -17.92 -8.29 5.50
N VAL A 223 -19.20 -8.32 5.85
CA VAL A 223 -20.10 -9.39 5.41
C VAL A 223 -20.34 -9.33 3.89
N VAL A 224 -20.50 -8.11 3.37
CA VAL A 224 -20.63 -7.91 1.93
C VAL A 224 -19.37 -8.39 1.18
N SER A 225 -18.20 -8.06 1.69
CA SER A 225 -16.94 -8.47 1.09
C SER A 225 -16.81 -10.01 1.01
N VAL A 226 -17.02 -10.71 2.12
CA VAL A 226 -16.94 -12.17 2.14
C VAL A 226 -17.98 -12.79 1.22
N SER A 227 -19.21 -12.28 1.26
CA SER A 227 -20.28 -12.75 0.37
C SER A 227 -19.92 -12.61 -1.10
N GLU A 228 -19.38 -11.46 -1.49
CA GLU A 228 -19.01 -11.26 -2.89
C GLU A 228 -17.84 -12.17 -3.31
N ILE A 229 -16.91 -12.39 -2.40
CA ILE A 229 -15.78 -13.30 -2.67
C ILE A 229 -16.23 -14.75 -2.82
N TYR A 230 -17.10 -15.20 -1.90
CA TYR A 230 -17.70 -16.52 -1.97
C TYR A 230 -18.38 -16.75 -3.31
N GLN A 231 -19.19 -15.79 -3.72
CA GLN A 231 -19.92 -15.88 -4.99
C GLN A 231 -18.96 -16.04 -6.16
N TYR A 232 -17.98 -15.17 -6.23
CA TYR A 232 -17.02 -15.19 -7.30
C TYR A 232 -16.28 -16.52 -7.35
N TYR A 233 -15.90 -17.05 -6.19
CA TYR A 233 -15.19 -18.33 -6.12
C TYR A 233 -16.03 -19.48 -6.62
N LYS A 234 -17.28 -19.55 -6.18
CA LYS A 234 -18.13 -20.65 -6.58
C LYS A 234 -18.52 -20.49 -8.03
N GLU A 235 -18.85 -19.27 -8.47
CA GLU A 235 -19.28 -19.09 -9.87
C GLU A 235 -18.19 -19.39 -10.89
N HIS A 236 -16.92 -19.39 -10.48
CA HIS A 236 -15.83 -19.81 -11.37
C HIS A 236 -15.26 -21.18 -11.05
N GLY A 237 -15.93 -21.91 -10.15
CA GLY A 237 -15.51 -23.26 -9.80
C GLY A 237 -14.17 -23.35 -9.09
N TYR A 238 -13.68 -22.29 -8.45
CA TYR A 238 -12.40 -22.38 -7.73
C TYR A 238 -12.57 -23.23 -6.49
N GLU A 239 -11.57 -24.03 -6.16
CA GLU A 239 -11.71 -24.98 -5.05
C GLU A 239 -11.03 -24.51 -3.79
N THR A 240 -10.49 -23.30 -3.81
CA THR A 240 -9.93 -22.68 -2.62
C THR A 240 -11.03 -22.56 -1.57
N VAL A 241 -10.74 -23.04 -0.36
CA VAL A 241 -11.68 -22.95 0.76
C VAL A 241 -11.84 -21.48 1.17
N VAL A 242 -13.08 -21.01 1.35
CA VAL A 242 -13.32 -19.66 1.82
C VAL A 242 -13.62 -19.74 3.31
N MET A 243 -12.75 -19.15 4.12
CA MET A 243 -12.93 -19.11 5.57
C MET A 243 -13.02 -17.67 6.08
N GLY A 244 -14.22 -17.17 6.30
CA GLY A 244 -14.36 -15.87 6.97
C GLY A 244 -13.63 -15.85 8.31
N ALA A 245 -12.95 -14.75 8.60
CA ALA A 245 -12.21 -14.58 9.85
C ALA A 245 -12.40 -13.18 10.35
N SER A 246 -12.03 -12.96 11.63
CA SER A 246 -12.14 -11.64 12.28
C SER A 246 -13.60 -11.27 12.47
N PHE A 247 -14.10 -11.38 13.68
CA PHE A 247 -15.54 -11.10 13.91
C PHE A 247 -15.68 -10.19 15.09
N ARG A 248 -16.65 -9.29 15.01
CA ARG A 248 -16.96 -8.38 16.10
C ARG A 248 -18.29 -8.69 16.79
N ASN A 249 -19.16 -9.46 16.14
CA ASN A 249 -20.47 -9.77 16.72
C ASN A 249 -21.09 -10.98 16.05
N ILE A 250 -22.05 -11.63 16.72
CA ILE A 250 -22.64 -12.84 16.18
C ILE A 250 -23.50 -12.58 14.96
N GLY A 251 -23.98 -11.35 14.81
CA GLY A 251 -24.69 -10.94 13.59
C GLY A 251 -23.88 -11.15 12.33
N GLU A 252 -22.60 -10.79 12.36
CA GLU A 252 -21.73 -10.98 11.20
C GLU A 252 -21.59 -12.46 10.86
N ILE A 253 -21.39 -13.27 11.90
CA ILE A 253 -21.25 -14.70 11.73
C ILE A 253 -22.51 -15.35 11.17
N LEU A 254 -23.67 -15.03 11.73
CA LEU A 254 -24.91 -15.64 11.26
C LEU A 254 -25.27 -15.25 9.82
N GLU A 255 -24.94 -14.02 9.40
CA GLU A 255 -25.16 -13.60 8.02
C GLU A 255 -24.28 -14.34 7.03
N LEU A 256 -23.28 -15.05 7.54
CA LEU A 256 -22.34 -15.77 6.68
C LEU A 256 -22.52 -17.28 6.80
N ALA A 257 -23.61 -17.74 7.44
CA ALA A 257 -23.88 -19.16 7.57
C ALA A 257 -23.93 -19.75 6.17
N GLY A 258 -23.19 -20.82 5.95
CA GLY A 258 -23.06 -21.42 4.62
C GLY A 258 -21.70 -21.17 4.01
N CYS A 259 -20.92 -20.28 4.59
CA CYS A 259 -19.51 -20.15 4.18
C CYS A 259 -18.81 -21.46 4.49
N ASP A 260 -17.90 -21.88 3.61
CA ASP A 260 -17.22 -23.17 3.78
C ASP A 260 -16.73 -23.34 5.20
N ARG A 261 -16.03 -22.33 5.71
CA ARG A 261 -15.56 -22.34 7.08
C ARG A 261 -15.66 -20.97 7.66
N LEU A 262 -15.66 -20.89 8.99
CA LEU A 262 -15.58 -19.63 9.70
C LEU A 262 -14.74 -19.87 10.91
N THR A 263 -13.77 -18.99 11.14
CA THR A 263 -12.95 -19.07 12.32
C THR A 263 -13.38 -18.00 13.31
N ILE A 264 -13.61 -18.42 14.53
CA ILE A 264 -14.42 -17.66 15.50
C ILE A 264 -13.73 -17.71 16.84
N ALA A 265 -13.55 -16.55 17.48
CA ALA A 265 -12.95 -16.50 18.82
C ALA A 265 -13.86 -17.14 19.89
N PRO A 266 -13.29 -17.67 20.98
CA PRO A 266 -14.12 -18.29 22.04
C PRO A 266 -15.25 -17.43 22.57
N THR A 267 -15.03 -16.11 22.70
CA THR A 267 -16.08 -15.18 23.17
C THR A 267 -17.33 -15.34 22.32
N LEU A 268 -17.17 -15.32 21.00
CA LEU A 268 -18.31 -15.43 20.13
C LEU A 268 -18.80 -16.86 20.02
N LEU A 269 -17.94 -17.86 20.20
CA LEU A 269 -18.40 -19.26 20.25
C LEU A 269 -19.32 -19.43 21.44
N LYS A 270 -18.94 -18.85 22.56
CA LYS A 270 -19.73 -18.91 23.76
C LYS A 270 -21.10 -18.32 23.48
N GLU A 271 -21.14 -17.13 22.88
CA GLU A 271 -22.42 -16.46 22.61
C GLU A 271 -23.32 -17.31 21.71
N LEU A 272 -22.74 -17.93 20.69
CA LEU A 272 -23.53 -18.79 19.80
C LEU A 272 -24.08 -20.00 20.53
N ALA A 273 -23.25 -20.61 21.37
CA ALA A 273 -23.61 -21.82 22.09
C ALA A 273 -24.70 -21.56 23.13
N GLU A 274 -24.80 -20.31 23.60
CA GLU A 274 -25.78 -19.94 24.63
C GLU A 274 -27.00 -19.25 24.06
N SER A 275 -27.07 -19.14 22.74
CA SER A 275 -28.13 -18.43 22.07
C SER A 275 -29.05 -19.53 21.51
N GLU A 276 -30.33 -19.47 21.84
CA GLU A 276 -31.25 -20.54 21.50
C GLU A 276 -31.80 -20.28 20.11
N GLY A 277 -32.13 -21.35 19.40
CA GLY A 277 -32.82 -21.23 18.12
C GLY A 277 -32.05 -21.83 16.98
N ALA A 278 -32.75 -21.95 15.86
CA ALA A 278 -32.18 -22.50 14.64
C ALA A 278 -32.03 -21.33 13.68
N ILE A 279 -31.01 -21.39 12.84
CA ILE A 279 -30.71 -20.34 11.90
C ILE A 279 -30.79 -20.89 10.49
N GLU A 280 -31.02 -20.00 9.54
CA GLU A 280 -31.11 -20.38 8.16
C GLU A 280 -29.76 -20.16 7.43
N ARG A 281 -29.50 -21.01 6.45
CA ARG A 281 -28.36 -20.82 5.56
C ARG A 281 -28.52 -19.49 4.83
N LYS A 282 -27.44 -18.72 4.73
CA LYS A 282 -27.47 -17.41 4.05
C LYS A 282 -26.65 -17.35 2.78
N LEU A 283 -25.53 -18.05 2.76
CA LEU A 283 -24.56 -17.94 1.69
C LEU A 283 -24.62 -19.19 0.84
N SER A 284 -25.02 -19.04 -0.41
CA SER A 284 -25.11 -20.15 -1.36
C SER A 284 -24.86 -19.65 -2.76
N TYR A 285 -24.41 -20.56 -3.63
CA TYR A 285 -24.38 -20.28 -5.07
C TYR A 285 -25.00 -21.44 -5.80
N THR A 286 -26.02 -21.13 -6.59
CA THR A 286 -26.84 -22.13 -7.28
C THR A 286 -26.57 -22.16 -8.78
N GLY A 287 -26.15 -21.03 -9.34
CA GLY A 287 -26.03 -20.90 -10.79
C GLY A 287 -25.00 -21.75 -11.51
N GLU A 288 -24.73 -21.34 -12.74
CA GLU A 288 -23.87 -22.06 -13.66
C GLU A 288 -22.38 -21.70 -13.44
N VAL A 289 -21.46 -22.64 -13.62
CA VAL A 289 -20.02 -22.34 -13.56
C VAL A 289 -19.55 -21.51 -14.77
N LYS A 290 -19.03 -20.31 -14.55
CA LYS A 290 -18.60 -19.42 -15.65
C LYS A 290 -17.13 -19.62 -16.05
N ALA A 291 -16.80 -19.13 -17.24
CA ALA A 291 -15.44 -19.21 -17.78
C ALA A 291 -14.53 -18.26 -17.03
N ARG A 292 -13.32 -18.71 -16.72
CA ARG A 292 -12.38 -17.87 -15.99
C ARG A 292 -11.74 -16.87 -16.91
N PRO A 293 -11.35 -15.70 -16.36
CA PRO A 293 -10.58 -14.76 -17.17
C PRO A 293 -9.10 -15.14 -17.24
N ALA A 294 -8.34 -14.36 -18.00
CA ALA A 294 -6.89 -14.39 -17.96
C ALA A 294 -6.45 -14.08 -16.52
N ARG A 295 -5.29 -14.59 -16.13
CA ARG A 295 -4.80 -14.34 -14.79
C ARG A 295 -4.52 -12.83 -14.58
N ILE A 296 -4.83 -12.33 -13.40
CA ILE A 296 -4.46 -10.97 -13.06
C ILE A 296 -2.94 -10.89 -12.96
N THR A 297 -2.38 -9.86 -13.57
CA THR A 297 -0.94 -9.65 -13.54
C THR A 297 -0.61 -8.86 -12.31
N GLU A 298 0.66 -8.77 -11.98
CA GLU A 298 1.11 -7.95 -10.85
C GLU A 298 0.72 -6.47 -10.92
N SER A 299 0.85 -5.85 -12.10
CA SER A 299 0.45 -4.45 -12.27
C SER A 299 -1.05 -4.23 -12.10
N GLU A 300 -1.84 -5.13 -12.68
CA GLU A 300 -3.30 -5.06 -12.54
C GLU A 300 -3.70 -5.22 -11.09
N PHE A 301 -3.04 -6.17 -10.42
CA PHE A 301 -3.28 -6.45 -9.01
C PHE A 301 -2.93 -5.25 -8.13
N LEU A 302 -1.76 -4.68 -8.34
CA LEU A 302 -1.35 -3.48 -7.59
C LEU A 302 -2.32 -2.31 -7.82
N TRP A 303 -2.76 -2.14 -9.06
CA TRP A 303 -3.68 -1.08 -9.37
C TRP A 303 -5.01 -1.29 -8.65
N GLN A 304 -5.56 -2.50 -8.77
CA GLN A 304 -6.88 -2.77 -8.20
C GLN A 304 -6.90 -2.85 -6.69
N HIS A 305 -5.81 -3.35 -6.12
CA HIS A 305 -5.69 -3.35 -4.66
C HIS A 305 -5.67 -1.92 -4.09
N ASN A 306 -4.88 -1.05 -4.68
CA ASN A 306 -4.78 0.33 -4.22
C ASN A 306 -5.92 1.25 -4.61
N GLN A 307 -6.85 0.75 -5.42
CA GLN A 307 -8.19 1.38 -5.58
C GLN A 307 -9.07 1.28 -4.33
N ASP A 308 -8.73 0.40 -3.40
CA ASP A 308 -9.55 0.11 -2.24
C ASP A 308 -8.88 0.68 -1.00
N PRO A 309 -9.24 1.91 -0.61
CA PRO A 309 -8.46 2.56 0.46
C PRO A 309 -8.47 1.83 1.78
N MET A 310 -9.58 1.16 2.08
CA MET A 310 -9.67 0.30 3.24
C MET A 310 -8.66 -0.82 3.16
N ALA A 311 -8.59 -1.51 2.04
CA ALA A 311 -7.68 -2.63 1.91
C ALA A 311 -6.24 -2.18 2.02
N VAL A 312 -5.92 -1.03 1.44
CA VAL A 312 -4.58 -0.48 1.47
C VAL A 312 -4.11 -0.31 2.92
N ASP A 313 -4.93 0.42 3.68
CA ASP A 313 -4.66 0.72 5.09
C ASP A 313 -4.53 -0.57 5.90
N LYS A 314 -5.54 -1.45 5.83
CA LYS A 314 -5.63 -2.60 6.74
C LYS A 314 -4.66 -3.74 6.46
N LEU A 315 -4.31 -3.95 5.20
CA LEU A 315 -3.33 -4.99 4.91
C LEU A 315 -2.01 -4.61 5.54
N ALA A 316 -1.59 -3.36 5.31
CA ALA A 316 -0.32 -2.84 5.77
C ALA A 316 -0.29 -2.80 7.28
N GLU A 317 -1.41 -2.41 7.86
CA GLU A 317 -1.56 -2.32 9.32
C GLU A 317 -1.50 -3.67 10.02
N GLY A 318 -2.18 -4.68 9.47
CA GLY A 318 -2.20 -5.99 10.08
C GLY A 318 -0.81 -6.58 10.08
N ILE A 319 -0.08 -6.34 9.01
CA ILE A 319 1.31 -6.75 8.92
C ILE A 319 2.15 -6.04 9.98
N ARG A 320 2.03 -4.72 10.10
CA ARG A 320 2.76 -4.00 11.14
C ARG A 320 2.45 -4.56 12.54
N LYS A 321 1.16 -4.72 12.85
CA LYS A 321 0.78 -5.22 14.17
C LYS A 321 1.29 -6.65 14.44
N PHE A 322 1.17 -7.53 13.46
CA PHE A 322 1.64 -8.90 13.65
C PHE A 322 3.16 -8.94 13.86
N ALA A 323 3.89 -8.04 13.22
CA ALA A 323 5.33 -7.93 13.36
C ALA A 323 5.75 -7.40 14.72
N ILE A 324 4.97 -6.45 15.23
CA ILE A 324 5.21 -5.91 16.58
C ILE A 324 5.05 -7.05 17.60
N ASP A 325 3.99 -7.83 17.43
CA ASP A 325 3.76 -8.98 18.30
C ASP A 325 4.85 -10.04 18.16
N GLN A 326 5.41 -10.20 16.98
CA GLN A 326 6.55 -11.10 16.81
C GLN A 326 7.78 -10.59 17.56
N GLU A 327 8.01 -9.28 17.52
CA GLU A 327 9.10 -8.65 18.27
C GLU A 327 8.91 -8.83 19.77
N LYS A 328 7.68 -8.63 20.23
CA LYS A 328 7.38 -8.86 21.64
C LYS A 328 7.66 -10.29 22.05
N LEU A 329 7.39 -11.22 21.15
CA LEU A 329 7.60 -12.63 21.42
C LEU A 329 9.09 -12.89 21.51
N GLU A 330 9.87 -12.22 20.65
CA GLU A 330 11.32 -12.29 20.71
C GLU A 330 11.92 -11.65 21.97
N LYS A 331 11.36 -10.54 22.41
CA LYS A 331 11.80 -9.91 23.66
C LYS A 331 11.61 -10.89 24.84
N MET A 332 10.40 -11.47 24.94
CA MET A 332 10.09 -12.46 25.97
C MET A 332 11.03 -13.66 25.96
N ILE A 333 11.23 -14.25 24.80
CA ILE A 333 12.15 -15.37 24.66
C ILE A 333 13.56 -14.93 24.99
N GLY A 334 13.92 -13.73 24.55
CA GLY A 334 15.25 -13.17 24.76
C GLY A 334 15.62 -13.10 26.23
N ASP A 335 14.66 -12.76 27.07
CA ASP A 335 14.86 -12.67 28.51
C ASP A 335 15.05 -14.03 29.16
N LEU A 336 14.65 -15.11 28.48
CA LEU A 336 14.81 -16.47 29.00
C LEU A 336 16.05 -17.22 28.51
N LEU A 337 16.86 -16.63 27.65
CA LEU A 337 18.16 -17.25 27.26
C LEU A 337 19.34 -16.71 28.07
N THR B 22 12.59 44.83 1.28
CA THR B 22 11.80 44.09 0.22
C THR B 22 11.09 42.87 0.83
N ASP B 23 10.71 41.92 -0.02
CA ASP B 23 9.69 40.93 0.28
C ASP B 23 10.25 39.51 0.51
N LYS B 24 9.41 38.68 1.11
CA LYS B 24 9.77 37.32 1.47
C LYS B 24 10.00 36.42 0.26
N LEU B 25 9.30 36.67 -0.85
CA LEU B 25 9.51 35.91 -2.07
C LEU B 25 10.89 36.17 -2.65
N THR B 26 11.29 37.44 -2.69
CA THR B 26 12.60 37.84 -3.17
C THR B 26 13.68 37.32 -2.21
N SER B 27 13.43 37.38 -0.90
CA SER B 27 14.39 36.85 0.06
C SER B 27 14.57 35.32 -0.12
N LEU B 28 13.48 34.60 -0.35
CA LEU B 28 13.54 33.15 -0.56
C LEU B 28 14.36 32.74 -1.77
N ARG B 29 14.22 33.50 -2.87
CA ARG B 29 14.96 33.22 -4.11
C ARG B 29 16.47 33.39 -3.95
N GLN B 30 16.92 34.04 -2.88
CA GLN B 30 18.34 34.06 -2.57
C GLN B 30 18.85 32.65 -2.29
N TYR B 31 17.97 31.82 -1.71
CA TYR B 31 18.37 30.52 -1.16
C TYR B 31 17.89 29.31 -1.96
N THR B 32 16.80 29.50 -2.68
CA THR B 32 16.05 28.41 -3.23
C THR B 32 15.56 28.82 -4.60
N THR B 33 15.60 27.90 -5.55
CA THR B 33 15.02 28.13 -6.87
C THR B 33 13.52 27.96 -6.75
N VAL B 34 12.78 28.97 -7.16
CA VAL B 34 11.34 28.97 -7.00
C VAL B 34 10.69 28.49 -8.29
N VAL B 35 9.74 27.58 -8.12
CA VAL B 35 9.03 26.95 -9.22
C VAL B 35 7.54 27.20 -9.04
N ALA B 36 6.83 27.42 -10.14
CA ALA B 36 5.41 27.72 -10.05
C ALA B 36 4.60 26.44 -10.27
N ASP B 37 3.75 26.13 -9.29
CA ASP B 37 2.88 24.97 -9.30
C ASP B 37 1.51 25.33 -9.84
N THR B 38 1.40 25.37 -11.16
CA THR B 38 0.17 25.75 -11.84
C THR B 38 0.31 25.55 -13.33
N GLY B 39 -0.81 25.32 -14.00
CA GLY B 39 -0.86 25.35 -15.46
C GLY B 39 -1.24 26.71 -16.06
N ASP B 40 -1.33 27.75 -15.23
CA ASP B 40 -1.80 29.07 -15.69
C ASP B 40 -0.66 30.02 -16.05
N ILE B 41 -0.59 30.40 -17.33
CA ILE B 41 0.46 31.29 -17.84
C ILE B 41 0.51 32.68 -17.18
N ALA B 42 -0.66 33.20 -16.77
CA ALA B 42 -0.69 34.48 -16.06
C ALA B 42 0.28 34.48 -14.87
N ALA B 43 0.30 33.37 -14.13
CA ALA B 43 1.19 33.24 -12.98
C ALA B 43 2.67 33.27 -13.39
N MET B 44 2.97 32.79 -14.59
CA MET B 44 4.35 32.76 -15.06
C MET B 44 4.80 34.17 -15.41
N LYS B 45 3.93 34.93 -16.08
CA LYS B 45 4.23 36.34 -16.38
C LYS B 45 4.49 37.13 -15.11
N LEU B 46 3.64 36.90 -14.11
CA LEU B 46 3.67 37.66 -12.88
C LEU B 46 4.87 37.37 -11.96
N TYR B 47 5.15 36.09 -11.69
CA TYR B 47 6.18 35.71 -10.71
C TYR B 47 7.51 35.30 -11.35
N GLN B 48 7.51 35.06 -12.66
CA GLN B 48 8.75 34.74 -13.40
C GLN B 48 9.58 33.64 -12.72
N PRO B 49 8.98 32.46 -12.55
CA PRO B 49 9.69 31.36 -11.90
C PRO B 49 10.71 30.72 -12.84
N GLN B 50 11.69 30.02 -12.27
CA GLN B 50 12.69 29.32 -13.09
C GLN B 50 12.07 28.16 -13.86
N ASP B 51 11.27 27.35 -13.16
CA ASP B 51 10.60 26.19 -13.74
C ASP B 51 9.10 26.29 -13.43
N ALA B 52 8.30 25.42 -14.04
CA ALA B 52 6.91 25.19 -13.66
C ALA B 52 6.59 23.70 -13.51
N THR B 53 5.63 23.38 -12.64
CA THR B 53 5.09 22.03 -12.51
C THR B 53 3.59 22.04 -12.78
N THR B 54 3.16 21.05 -13.56
CA THR B 54 1.76 20.69 -13.66
C THR B 54 1.56 19.28 -13.14
N ASN B 55 0.31 18.90 -13.04
CA ASN B 55 -0.10 17.55 -12.75
C ASN B 55 -1.49 17.47 -13.35
N PRO B 56 -2.12 16.29 -13.36
CA PRO B 56 -3.41 16.13 -14.03
C PRO B 56 -4.56 16.94 -13.46
N SER B 57 -4.55 17.22 -12.16
CA SER B 57 -5.59 18.07 -11.58
C SER B 57 -5.40 19.49 -12.09
N LEU B 58 -4.15 19.95 -12.11
CA LEU B 58 -3.86 21.30 -12.60
C LEU B 58 -4.13 21.41 -14.08
N ILE B 59 -3.88 20.33 -14.83
CA ILE B 59 -4.21 20.31 -16.25
C ILE B 59 -5.73 20.39 -16.42
N LEU B 60 -6.48 19.62 -15.63
CA LEU B 60 -7.94 19.69 -15.67
C LEU B 60 -8.47 21.10 -15.36
N ASN B 61 -7.94 21.72 -14.32
CA ASN B 61 -8.35 23.09 -13.96
C ASN B 61 -7.96 24.10 -15.02
N ALA B 62 -6.76 23.95 -15.58
CA ALA B 62 -6.30 24.87 -16.63
C ALA B 62 -7.20 24.81 -17.87
N ALA B 63 -7.69 23.63 -18.19
CA ALA B 63 -8.59 23.45 -19.32
C ALA B 63 -9.92 24.23 -19.18
N GLN B 64 -10.20 24.76 -18.00
CA GLN B 64 -11.42 25.54 -17.77
C GLN B 64 -11.20 27.00 -18.09
N ILE B 65 -9.93 27.42 -18.14
CA ILE B 65 -9.60 28.78 -18.50
C ILE B 65 -10.07 28.97 -19.96
N PRO B 66 -10.92 29.98 -20.22
CA PRO B 66 -11.45 30.28 -21.56
C PRO B 66 -10.41 30.55 -22.64
N GLU B 67 -9.34 31.27 -22.29
CA GLU B 67 -8.24 31.55 -23.23
C GLU B 67 -7.48 30.28 -23.67
N TYR B 68 -7.69 29.18 -22.95
CA TYR B 68 -7.04 27.89 -23.26
C TYR B 68 -7.89 27.01 -24.15
N ARG B 69 -9.04 27.50 -24.61
CA ARG B 69 -9.91 26.75 -25.51
C ARG B 69 -9.17 26.46 -26.85
N LYS B 70 -8.35 27.42 -27.27
CA LYS B 70 -7.57 27.28 -28.50
C LYS B 70 -6.56 26.10 -28.39
N LEU B 71 -6.04 25.86 -27.19
CA LEU B 71 -5.12 24.73 -26.94
C LEU B 71 -5.82 23.37 -26.93
N ILE B 72 -7.07 23.36 -26.49
CA ILE B 72 -7.88 22.15 -26.51
C ILE B 72 -8.25 21.84 -27.95
N ASP B 73 -8.63 22.88 -28.68
CA ASP B 73 -8.91 22.81 -30.11
C ASP B 73 -7.70 22.33 -30.91
N ASP B 74 -6.50 22.89 -30.67
CA ASP B 74 -5.28 22.39 -31.34
C ASP B 74 -5.08 20.90 -31.02
N ALA B 75 -5.18 20.51 -29.75
CA ALA B 75 -4.99 19.12 -29.34
C ALA B 75 -5.99 18.16 -29.99
N VAL B 76 -7.25 18.53 -30.03
CA VAL B 76 -8.29 17.69 -30.62
C VAL B 76 -8.07 17.56 -32.14
N ALA B 77 -7.69 18.66 -32.77
CA ALA B 77 -7.46 18.66 -34.22
C ALA B 77 -6.23 17.81 -34.58
N TRP B 78 -5.18 17.94 -33.80
CA TRP B 78 -3.95 17.18 -34.04
C TRP B 78 -4.23 15.68 -33.88
N ALA B 79 -4.97 15.32 -32.83
CA ALA B 79 -5.37 13.93 -32.58
C ALA B 79 -6.11 13.29 -33.73
N LYS B 80 -7.04 14.05 -34.32
CA LYS B 80 -7.85 13.56 -35.44
C LYS B 80 -7.01 13.34 -36.68
N GLN B 81 -5.93 14.11 -36.79
CA GLN B 81 -4.94 13.94 -37.85
C GLN B 81 -4.02 12.75 -37.65
N GLN B 82 -3.87 12.26 -36.41
CA GLN B 82 -2.95 11.15 -36.13
C GLN B 82 -3.59 9.79 -36.31
N SER B 83 -4.91 9.70 -36.20
CA SER B 83 -5.56 8.40 -36.37
C SER B 83 -7.04 8.58 -36.62
N ASN B 84 -7.69 7.49 -37.02
CA ASN B 84 -9.13 7.45 -37.23
C ASN B 84 -9.86 6.62 -36.18
N ASP B 85 -9.16 6.22 -35.12
CA ASP B 85 -9.75 5.43 -34.04
C ASP B 85 -10.12 6.33 -32.85
N ARG B 86 -11.34 6.18 -32.33
CA ARG B 86 -11.86 7.06 -31.27
C ARG B 86 -11.08 6.95 -29.95
N ALA B 87 -10.85 5.73 -29.48
CA ALA B 87 -10.12 5.50 -28.24
C ALA B 87 -8.75 6.14 -28.30
N GLN B 88 -8.05 5.93 -29.41
CA GLN B 88 -6.74 6.50 -29.60
C GLN B 88 -6.76 8.03 -29.73
N GLN B 89 -7.83 8.58 -30.29
CA GLN B 89 -7.95 10.03 -30.42
C GLN B 89 -8.10 10.72 -29.07
N ILE B 90 -8.90 10.12 -28.20
CA ILE B 90 -9.05 10.63 -26.83
C ILE B 90 -7.68 10.64 -26.14
N VAL B 91 -6.97 9.52 -26.21
CA VAL B 91 -5.65 9.41 -25.58
C VAL B 91 -4.68 10.43 -26.17
N ASP B 92 -4.65 10.51 -27.49
CA ASP B 92 -3.77 11.46 -28.19
C ASP B 92 -4.10 12.91 -27.83
N ALA B 93 -5.39 13.25 -27.79
CA ALA B 93 -5.80 14.61 -27.47
C ALA B 93 -5.44 15.03 -26.04
N THR B 94 -5.66 14.16 -25.06
CA THR B 94 -5.32 14.48 -23.67
C THR B 94 -3.83 14.64 -23.52
N ASP B 95 -3.05 13.78 -24.17
CA ASP B 95 -1.61 13.88 -24.12
C ASP B 95 -1.18 15.19 -24.76
N LYS B 96 -1.74 15.49 -25.95
CA LYS B 96 -1.39 16.70 -26.69
C LYS B 96 -1.83 17.94 -25.95
N LEU B 97 -2.92 17.85 -25.21
CA LEU B 97 -3.38 19.01 -24.44
C LEU B 97 -2.39 19.31 -23.33
N ALA B 98 -1.99 18.28 -22.59
CA ALA B 98 -1.02 18.46 -21.51
C ALA B 98 0.29 19.05 -22.03
N VAL B 99 0.68 18.63 -23.22
CA VAL B 99 1.90 19.11 -23.86
C VAL B 99 1.74 20.54 -24.38
N ASN B 100 0.61 20.84 -24.99
CA ASN B 100 0.31 22.21 -25.44
C ASN B 100 0.41 23.23 -24.33
N ILE B 101 -0.17 22.89 -23.19
CA ILE B 101 -0.04 23.70 -21.98
C ILE B 101 1.42 23.83 -21.58
N GLY B 102 2.15 22.72 -21.58
CA GLY B 102 3.58 22.79 -21.33
C GLY B 102 4.32 23.73 -22.27
N LEU B 103 4.00 23.65 -23.56
CA LEU B 103 4.62 24.50 -24.58
C LEU B 103 4.34 25.99 -24.34
N GLU B 104 3.10 26.32 -23.98
CA GLU B 104 2.80 27.71 -23.66
C GLU B 104 3.67 28.15 -22.50
N ILE B 105 3.78 27.32 -21.47
CA ILE B 105 4.54 27.67 -20.28
C ILE B 105 6.03 27.83 -20.57
N LEU B 106 6.54 27.03 -21.50
CA LEU B 106 7.97 27.06 -21.85
C LEU B 106 8.36 28.36 -22.55
N LYS B 107 7.39 29.01 -23.20
CA LYS B 107 7.62 30.35 -23.76
C LYS B 107 7.94 31.37 -22.68
N LEU B 108 7.50 31.08 -21.46
CA LEU B 108 7.54 32.06 -20.39
C LEU B 108 8.46 31.71 -19.24
N VAL B 109 8.99 30.49 -19.22
CA VAL B 109 9.97 30.17 -18.20
C VAL B 109 11.22 29.70 -18.92
N PRO B 110 12.36 30.08 -18.38
CA PRO B 110 13.63 29.70 -18.95
C PRO B 110 13.99 28.23 -18.69
N GLY B 111 13.41 27.62 -17.67
CA GLY B 111 13.83 26.30 -17.21
C GLY B 111 12.95 25.16 -17.68
N ARG B 112 12.55 24.32 -16.75
CA ARG B 112 11.83 23.12 -17.13
C ARG B 112 10.34 23.21 -16.90
N ILE B 113 9.61 22.40 -17.67
CA ILE B 113 8.22 22.10 -17.39
C ILE B 113 8.16 20.64 -16.91
N SER B 114 7.36 20.37 -15.87
CA SER B 114 7.01 19.01 -15.47
C SER B 114 5.63 18.66 -15.96
N THR B 115 5.57 17.49 -16.58
CA THR B 115 4.35 16.98 -17.15
C THR B 115 4.22 15.52 -16.68
N GLN B 116 3.09 15.21 -16.08
CA GLN B 116 2.89 13.92 -15.44
C GLN B 116 2.28 12.90 -16.40
N VAL B 117 2.79 11.68 -16.34
CA VAL B 117 2.20 10.56 -17.06
C VAL B 117 0.88 10.12 -16.43
N ASP B 118 0.01 9.59 -17.27
CA ASP B 118 -1.23 8.97 -16.80
C ASP B 118 -1.04 8.19 -15.49
N ALA B 119 -1.74 8.61 -14.43
CA ALA B 119 -1.55 7.98 -13.13
C ALA B 119 -2.07 6.54 -13.12
N ARG B 120 -2.92 6.19 -14.07
CA ARG B 120 -3.41 4.81 -14.21
C ARG B 120 -2.29 3.83 -14.52
N LEU B 121 -1.12 4.35 -14.88
CA LEU B 121 0.06 3.54 -15.17
C LEU B 121 1.08 3.44 -14.03
N SER B 122 0.74 3.99 -12.86
CA SER B 122 1.67 4.08 -11.74
C SER B 122 2.27 2.77 -11.24
N TYR B 123 1.59 1.65 -11.44
CA TYR B 123 2.10 0.37 -11.00
C TYR B 123 2.54 -0.53 -12.15
N ASP B 124 2.79 0.06 -13.32
CA ASP B 124 3.22 -0.65 -14.52
C ASP B 124 4.45 0.03 -15.14
N THR B 125 5.62 -0.53 -14.86
CA THR B 125 6.91 0.06 -15.27
C THR B 125 6.99 0.26 -16.77
N GLU B 126 6.65 -0.79 -17.52
CA GLU B 126 6.81 -0.73 -18.98
C GLU B 126 5.85 0.23 -19.65
N ALA B 127 4.59 0.24 -19.21
CA ALA B 127 3.62 1.18 -19.75
C ALA B 127 4.02 2.63 -19.42
N SER B 128 4.59 2.82 -18.24
CA SER B 128 5.04 4.14 -17.81
C SER B 128 6.22 4.63 -18.61
N ILE B 129 7.18 3.75 -18.86
CA ILE B 129 8.30 4.07 -19.72
C ILE B 129 7.80 4.45 -21.11
N ALA B 130 6.90 3.63 -21.67
CA ALA B 130 6.32 3.91 -22.97
C ALA B 130 5.59 5.26 -22.99
N LYS B 131 4.78 5.55 -21.98
CA LYS B 131 4.05 6.81 -21.98
C LYS B 131 5.01 7.98 -21.84
N ALA B 132 6.02 7.85 -20.98
CA ALA B 132 7.03 8.90 -20.83
C ALA B 132 7.67 9.21 -22.17
N LYS B 133 8.00 8.18 -22.92
CA LYS B 133 8.61 8.35 -24.24
C LYS B 133 7.66 9.00 -25.23
N ARG B 134 6.40 8.63 -25.16
CA ARG B 134 5.38 9.23 -26.00
C ARG B 134 5.31 10.75 -25.77
N LEU B 135 5.33 11.17 -24.50
CA LEU B 135 5.26 12.59 -24.18
C LEU B 135 6.52 13.29 -24.61
N ILE B 136 7.67 12.67 -24.39
CA ILE B 136 8.92 13.25 -24.83
C ILE B 136 8.94 13.44 -26.33
N LYS B 137 8.38 12.50 -27.07
CA LYS B 137 8.32 12.63 -28.53
C LYS B 137 7.49 13.81 -28.93
N LEU B 138 6.32 13.95 -28.31
CA LEU B 138 5.42 15.06 -28.60
C LEU B 138 6.12 16.41 -28.39
N TYR B 139 6.85 16.56 -27.28
CA TYR B 139 7.66 17.76 -27.04
C TYR B 139 8.77 17.94 -28.11
N ASN B 140 9.50 16.86 -28.39
CA ASN B 140 10.56 16.87 -29.42
C ASN B 140 10.02 17.26 -30.78
N ASP B 141 8.86 16.71 -31.14
CA ASP B 141 8.20 17.01 -32.43
C ASP B 141 7.70 18.44 -32.54
N ALA B 142 7.54 19.10 -31.40
CA ALA B 142 7.23 20.52 -31.35
C ALA B 142 8.50 21.39 -31.23
N GLY B 143 9.68 20.77 -31.25
CA GLY B 143 10.95 21.52 -31.29
C GLY B 143 11.65 21.65 -29.97
N ILE B 144 11.11 21.02 -28.93
CA ILE B 144 11.62 21.15 -27.57
C ILE B 144 12.52 19.98 -27.26
N SER B 145 13.72 20.25 -26.77
CA SER B 145 14.63 19.18 -26.41
C SER B 145 14.46 18.76 -24.93
N ASN B 146 15.06 17.61 -24.60
CA ASN B 146 14.81 16.93 -23.33
C ASN B 146 15.27 17.65 -22.08
N ASP B 147 16.25 18.53 -22.24
CA ASP B 147 16.72 19.34 -21.10
C ASP B 147 15.72 20.45 -20.66
N ARG B 148 14.59 20.58 -21.36
CA ARG B 148 13.51 21.50 -20.94
C ARG B 148 12.36 20.78 -20.23
N ILE B 149 12.48 19.47 -20.06
CA ILE B 149 11.35 18.69 -19.61
C ILE B 149 11.68 17.79 -18.42
N LEU B 150 10.71 17.60 -17.54
CA LEU B 150 10.74 16.53 -16.55
C LEU B 150 9.45 15.79 -16.69
N ILE B 151 9.56 14.49 -16.84
CA ILE B 151 8.39 13.64 -16.85
C ILE B 151 8.13 13.23 -15.41
N LYS B 152 6.90 13.48 -14.97
CA LYS B 152 6.49 13.25 -13.58
C LYS B 152 5.94 11.85 -13.47
N LEU B 153 6.44 11.09 -12.51
CA LEU B 153 5.97 9.72 -12.29
C LEU B 153 5.76 9.59 -10.81
N ALA B 154 4.72 8.85 -10.43
CA ALA B 154 4.52 8.53 -9.04
C ALA B 154 5.65 7.62 -8.54
N SER B 155 6.08 7.89 -7.31
CA SER B 155 7.17 7.19 -6.67
C SER B 155 6.78 5.82 -6.10
N THR B 156 6.12 5.01 -6.90
CA THR B 156 5.96 3.62 -6.55
C THR B 156 7.26 2.93 -6.91
N TRP B 157 7.49 1.71 -6.41
CA TRP B 157 8.62 0.95 -6.86
C TRP B 157 8.66 0.91 -8.38
N GLN B 158 7.51 0.75 -8.99
CA GLN B 158 7.42 0.61 -10.43
C GLN B 158 7.77 1.90 -11.16
N GLY B 159 7.34 3.03 -10.61
CA GLY B 159 7.67 4.34 -11.21
C GLY B 159 9.15 4.65 -11.06
N ILE B 160 9.72 4.24 -9.94
CA ILE B 160 11.13 4.49 -9.66
C ILE B 160 11.99 3.67 -10.61
N ARG B 161 11.55 2.45 -10.92
CA ARG B 161 12.22 1.59 -11.91
C ARG B 161 12.04 2.15 -13.30
N ALA B 162 10.85 2.62 -13.63
CA ALA B 162 10.65 3.34 -14.89
C ALA B 162 11.64 4.49 -15.03
N ALA B 163 11.76 5.30 -13.98
CA ALA B 163 12.62 6.49 -13.99
C ALA B 163 14.09 6.11 -14.17
N GLU B 164 14.53 5.09 -13.46
CA GLU B 164 15.93 4.65 -13.55
C GLU B 164 16.29 4.36 -15.00
N GLN B 165 15.40 3.68 -15.69
CA GLN B 165 15.59 3.34 -17.10
C GLN B 165 15.51 4.59 -17.97
N LEU B 166 14.49 5.42 -17.75
CA LEU B 166 14.35 6.64 -18.54
C LEU B 166 15.58 7.53 -18.42
N GLU B 167 16.15 7.66 -17.21
CA GLU B 167 17.33 8.50 -17.04
C GLU B 167 18.46 7.98 -17.92
N LYS B 168 18.58 6.66 -18.04
CA LYS B 168 19.62 6.07 -18.90
C LYS B 168 19.41 6.34 -20.40
N GLU B 169 18.17 6.58 -20.79
CA GLU B 169 17.87 6.90 -22.17
C GLU B 169 17.81 8.41 -22.43
N GLY B 170 18.33 9.21 -21.50
CA GLY B 170 18.41 10.67 -21.66
C GLY B 170 17.10 11.42 -21.39
N ILE B 171 16.16 10.80 -20.68
CA ILE B 171 14.89 11.44 -20.28
C ILE B 171 14.93 11.71 -18.76
N ASN B 172 14.86 12.98 -18.37
CA ASN B 172 14.92 13.36 -16.97
C ASN B 172 13.53 13.32 -16.36
N CYS B 173 13.47 12.89 -15.10
CA CYS B 173 12.20 12.61 -14.44
C CYS B 173 12.05 13.39 -13.14
N ASN B 174 10.80 13.62 -12.75
CA ASN B 174 10.43 14.26 -11.49
C ASN B 174 9.61 13.20 -10.70
N LEU B 175 10.17 12.69 -9.62
CA LEU B 175 9.53 11.61 -8.90
C LEU B 175 8.64 12.20 -7.85
N THR B 176 7.33 12.01 -8.04
CA THR B 176 6.36 12.70 -7.23
C THR B 176 5.61 11.80 -6.24
N LEU B 177 4.72 12.41 -5.46
CA LEU B 177 3.98 11.70 -4.41
C LEU B 177 4.93 10.92 -3.49
N LEU B 178 5.98 11.60 -3.11
CA LEU B 178 7.01 11.01 -2.30
C LEU B 178 6.77 11.32 -0.80
N PHE B 179 6.47 10.28 -0.04
CA PHE B 179 6.08 10.40 1.36
C PHE B 179 6.99 9.69 2.34
N SER B 180 7.47 8.50 1.99
CA SER B 180 8.24 7.67 2.92
C SER B 180 9.74 7.81 2.67
N PHE B 181 10.52 7.54 3.71
CA PHE B 181 11.95 7.57 3.58
C PHE B 181 12.43 6.47 2.59
N ALA B 182 11.71 5.35 2.58
CA ALA B 182 11.97 4.28 1.64
C ALA B 182 11.91 4.80 0.23
N GLN B 183 10.84 5.53 -0.07
CA GLN B 183 10.70 6.17 -1.37
C GLN B 183 11.85 7.11 -1.70
N ALA B 184 12.23 7.96 -0.74
CA ALA B 184 13.34 8.89 -0.92
C ALA B 184 14.67 8.16 -1.15
N ARG B 185 14.92 7.10 -0.39
CA ARG B 185 16.16 6.34 -0.57
C ARG B 185 16.20 5.63 -1.93
N ALA B 186 15.10 5.02 -2.32
CA ALA B 186 15.05 4.33 -3.59
C ALA B 186 15.28 5.29 -4.77
N CYS B 187 14.65 6.47 -4.74
CA CYS B 187 14.82 7.46 -5.81
C CYS B 187 16.28 7.95 -5.91
N ALA B 188 16.94 8.14 -4.76
CA ALA B 188 18.37 8.55 -4.76
C ALA B 188 19.23 7.48 -5.42
N GLU B 189 18.99 6.24 -5.04
CA GLU B 189 19.78 5.13 -5.52
C GLU B 189 19.53 4.82 -6.99
N ALA B 190 18.36 5.21 -7.49
CA ALA B 190 18.05 5.10 -8.90
C ALA B 190 18.64 6.21 -9.75
N GLY B 191 19.24 7.21 -9.12
CA GLY B 191 19.84 8.32 -9.86
C GLY B 191 18.83 9.19 -10.59
N VAL B 192 17.63 9.37 -10.03
CA VAL B 192 16.62 10.19 -10.74
C VAL B 192 17.02 11.67 -10.73
N PHE B 193 16.58 12.43 -11.73
CA PHE B 193 16.97 13.84 -11.82
C PHE B 193 16.47 14.67 -10.63
N LEU B 194 15.22 14.46 -10.24
CA LEU B 194 14.59 15.27 -9.21
C LEU B 194 13.50 14.50 -8.48
N ILE B 195 13.36 14.78 -7.19
CA ILE B 195 12.25 14.31 -6.37
C ILE B 195 11.37 15.46 -5.88
N SER B 196 10.08 15.17 -5.72
CA SER B 196 9.11 16.11 -5.19
C SER B 196 8.50 15.52 -3.92
N PRO B 197 9.25 15.58 -2.81
CA PRO B 197 8.70 15.21 -1.52
C PRO B 197 7.60 16.19 -1.13
N PHE B 198 6.47 15.65 -0.67
CA PHE B 198 5.28 16.43 -0.36
C PHE B 198 5.32 16.92 1.07
N VAL B 199 4.76 18.10 1.30
CA VAL B 199 4.74 18.68 2.64
C VAL B 199 3.30 18.76 3.14
N GLY B 200 2.45 19.41 2.38
CA GLY B 200 1.09 19.74 2.84
C GLY B 200 0.18 18.55 3.04
N ARG B 201 0.30 17.58 2.13
CA ARG B 201 -0.48 16.35 2.28
C ARG B 201 -0.06 15.56 3.48
N ILE B 202 1.21 15.66 3.86
CA ILE B 202 1.64 15.03 5.11
C ILE B 202 0.94 15.72 6.27
N LEU B 203 0.96 17.05 6.28
CA LEU B 203 0.28 17.78 7.34
C LEU B 203 -1.19 17.39 7.37
N ASP B 204 -1.83 17.32 6.21
CA ASP B 204 -3.24 16.92 6.11
C ASP B 204 -3.48 15.61 6.83
N TRP B 205 -2.61 14.64 6.61
CA TRP B 205 -2.77 13.34 7.21
C TRP B 205 -2.65 13.40 8.73
N TYR B 206 -1.68 14.14 9.23
CA TYR B 206 -1.50 14.20 10.67
C TYR B 206 -2.66 14.85 11.38
N LYS B 207 -3.23 15.89 10.77
CA LYS B 207 -4.43 16.52 11.31
C LYS B 207 -5.56 15.51 11.44
N ALA B 208 -5.84 14.83 10.33
CA ALA B 208 -6.93 13.87 10.27
C ALA B 208 -6.72 12.57 11.07
N ASN B 209 -5.48 12.23 11.44
CA ASN B 209 -5.20 10.94 12.10
C ASN B 209 -4.48 10.96 13.45
N THR B 210 -4.17 12.14 13.98
CA THR B 210 -3.65 12.23 15.34
C THR B 210 -4.42 13.28 16.14
N ASP B 211 -4.12 13.33 17.43
CA ASP B 211 -4.76 14.28 18.33
C ASP B 211 -4.34 15.71 18.00
N LYS B 212 -3.05 15.88 17.73
CA LYS B 212 -2.43 17.17 17.43
C LYS B 212 -2.90 17.73 16.07
N LYS B 213 -3.67 18.82 16.10
CA LYS B 213 -4.28 19.43 14.90
C LYS B 213 -3.61 20.72 14.47
N GLU B 214 -2.71 21.25 15.28
CA GLU B 214 -1.97 22.46 14.91
C GLU B 214 -0.48 22.39 15.30
N TYR B 215 0.35 22.91 14.39
CA TYR B 215 1.78 22.67 14.41
C TYR B 215 2.53 23.97 14.21
N ALA B 216 3.56 24.20 15.02
CA ALA B 216 4.55 25.21 14.71
C ALA B 216 5.31 24.79 13.44
N PRO B 217 5.74 25.76 12.60
CA PRO B 217 6.39 25.40 11.32
C PRO B 217 7.52 24.37 11.44
N ALA B 218 8.40 24.53 12.44
CA ALA B 218 9.48 23.55 12.66
C ALA B 218 8.98 22.18 13.07
N GLU B 219 7.80 22.09 13.68
CA GLU B 219 7.20 20.80 14.06
C GLU B 219 6.30 20.20 12.95
N ASP B 220 6.07 20.92 11.86
CA ASP B 220 5.17 20.46 10.81
C ASP B 220 5.81 19.17 10.24
N PRO B 221 5.09 18.04 10.31
CA PRO B 221 5.72 16.75 9.93
C PRO B 221 6.10 16.65 8.44
N GLY B 222 5.42 17.40 7.59
CA GLY B 222 5.85 17.57 6.21
C GLY B 222 7.20 18.27 6.12
N VAL B 223 7.40 19.30 6.93
CA VAL B 223 8.66 20.03 6.97
C VAL B 223 9.80 19.16 7.51
N VAL B 224 9.49 18.36 8.53
CA VAL B 224 10.45 17.43 9.10
C VAL B 224 10.85 16.39 8.05
N SER B 225 9.88 15.86 7.32
CA SER B 225 10.15 14.88 6.28
C SER B 225 11.11 15.44 5.18
N VAL B 226 10.79 16.61 4.61
CA VAL B 226 11.63 17.19 3.57
C VAL B 226 13.04 17.51 4.11
N SER B 227 13.11 18.08 5.32
CA SER B 227 14.39 18.33 5.98
C SER B 227 15.25 17.10 6.15
N GLU B 228 14.65 16.00 6.60
CA GLU B 228 15.40 14.77 6.79
C GLU B 228 15.87 14.16 5.45
N ILE B 229 15.04 14.29 4.43
CA ILE B 229 15.41 13.80 3.11
C ILE B 229 16.57 14.61 2.52
N TYR B 230 16.49 15.93 2.64
CA TYR B 230 17.53 16.84 2.20
C TYR B 230 18.88 16.45 2.83
N GLN B 231 18.86 16.25 4.15
CA GLN B 231 20.08 15.94 4.90
C GLN B 231 20.69 14.65 4.38
N TYR B 232 19.86 13.62 4.26
CA TYR B 232 20.32 12.33 3.80
C TYR B 232 20.90 12.41 2.39
N TYR B 233 20.27 13.17 1.51
CA TYR B 233 20.74 13.32 0.14
C TYR B 233 22.10 14.01 0.09
N LYS B 234 22.25 15.09 0.84
CA LYS B 234 23.51 15.84 0.78
C LYS B 234 24.59 15.08 1.50
N GLU B 235 24.28 14.46 2.63
CA GLU B 235 25.31 13.74 3.38
C GLU B 235 25.86 12.51 2.63
N HIS B 236 25.12 11.99 1.64
CA HIS B 236 25.63 10.90 0.81
C HIS B 236 26.02 11.35 -0.60
N GLY B 237 26.05 12.66 -0.82
CA GLY B 237 26.48 13.23 -2.09
C GLY B 237 25.58 12.93 -3.27
N TYR B 238 24.33 12.59 -3.05
CA TYR B 238 23.44 12.32 -4.19
C TYR B 238 23.14 13.61 -4.91
N GLU B 239 23.01 13.56 -6.23
CA GLU B 239 22.85 14.78 -7.00
C GLU B 239 21.42 15.00 -7.45
N THR B 240 20.52 14.14 -7.02
CA THR B 240 19.10 14.32 -7.29
C THR B 240 18.63 15.63 -6.67
N VAL B 241 17.96 16.46 -7.47
CA VAL B 241 17.43 17.75 -7.00
C VAL B 241 16.30 17.48 -6.01
N VAL B 242 16.31 18.14 -4.86
CA VAL B 242 15.22 18.02 -3.89
C VAL B 242 14.30 19.22 -4.06
N MET B 243 13.05 18.97 -4.48
CA MET B 243 12.05 20.02 -4.67
C MET B 243 10.83 19.78 -3.79
N GLY B 244 10.77 20.43 -2.64
CA GLY B 244 9.56 20.39 -1.82
C GLY B 244 8.33 20.83 -2.62
N ALA B 245 7.23 20.12 -2.45
CA ALA B 245 5.96 20.42 -3.16
C ALA B 245 4.80 20.27 -2.21
N SER B 246 3.63 20.76 -2.60
CA SER B 246 2.39 20.68 -1.80
C SER B 246 2.51 21.53 -0.56
N PHE B 247 1.88 22.68 -0.54
CA PHE B 247 2.01 23.58 0.60
C PHE B 247 0.66 24.06 1.06
N ARG B 248 0.50 24.17 2.37
CA ARG B 248 -0.74 24.66 2.95
C ARG B 248 -0.59 26.07 3.53
N ASN B 249 0.63 26.53 3.79
CA ASN B 249 0.83 27.86 4.36
C ASN B 249 2.25 28.32 4.16
N ILE B 250 2.48 29.62 4.26
CA ILE B 250 3.82 30.15 4.02
C ILE B 250 4.80 29.76 5.11
N GLY B 251 4.32 29.44 6.31
CA GLY B 251 5.18 28.89 7.37
C GLY B 251 5.96 27.64 6.96
N GLU B 252 5.29 26.73 6.26
CA GLU B 252 5.96 25.53 5.77
C GLU B 252 7.07 25.86 4.77
N ILE B 253 6.75 26.76 3.85
CA ILE B 253 7.70 27.18 2.83
C ILE B 253 8.92 27.86 3.45
N LEU B 254 8.72 28.77 4.39
CA LEU B 254 9.84 29.51 4.97
C LEU B 254 10.77 28.62 5.81
N GLU B 255 10.22 27.60 6.47
CA GLU B 255 11.04 26.65 7.22
C GLU B 255 11.91 25.78 6.32
N LEU B 256 11.64 25.83 5.01
CA LEU B 256 12.38 25.02 4.04
C LEU B 256 13.27 25.86 3.15
N ALA B 257 13.45 27.13 3.49
CA ALA B 257 14.32 27.99 2.72
C ALA B 257 15.71 27.36 2.66
N GLY B 258 16.26 27.24 1.45
CA GLY B 258 17.54 26.59 1.25
C GLY B 258 17.39 25.24 0.57
N CYS B 259 16.16 24.74 0.47
CA CYS B 259 15.90 23.57 -0.34
C CYS B 259 16.24 23.92 -1.77
N ASP B 260 16.82 22.98 -2.51
CA ASP B 260 17.25 23.23 -3.89
C ASP B 260 16.17 23.95 -4.68
N ARG B 261 14.96 23.41 -4.62
CA ARG B 261 13.82 24.03 -5.29
C ARG B 261 12.60 23.86 -4.42
N LEU B 262 11.61 24.70 -4.66
CA LEU B 262 10.31 24.57 -4.05
C LEU B 262 9.30 24.96 -5.08
N THR B 263 8.29 24.12 -5.26
CA THR B 263 7.21 24.44 -6.18
C THR B 263 6.00 24.87 -5.39
N ILE B 264 5.46 26.01 -5.78
CA ILE B 264 4.56 26.80 -4.92
C ILE B 264 3.39 27.28 -5.76
N ALA B 265 2.17 27.08 -5.27
CA ALA B 265 0.96 27.57 -5.99
C ALA B 265 0.89 29.11 -5.99
N PRO B 266 0.23 29.72 -7.01
CA PRO B 266 0.13 31.20 -7.07
C PRO B 266 -0.40 31.88 -5.81
N THR B 267 -1.36 31.25 -5.13
CA THR B 267 -1.90 31.78 -3.89
C THR B 267 -0.77 32.04 -2.90
N LEU B 268 0.10 31.07 -2.70
CA LEU B 268 1.17 31.24 -1.73
C LEU B 268 2.29 32.10 -2.29
N LEU B 269 2.47 32.12 -3.61
CA LEU B 269 3.45 33.05 -4.20
C LEU B 269 3.02 34.47 -3.93
N LYS B 270 1.73 34.72 -4.11
CA LYS B 270 1.18 36.02 -3.85
C LYS B 270 1.47 36.40 -2.40
N GLU B 271 1.18 35.50 -1.48
CA GLU B 271 1.38 35.78 -0.07
C GLU B 271 2.84 36.12 0.27
N LEU B 272 3.78 35.37 -0.31
CA LEU B 272 5.20 35.66 -0.10
C LEU B 272 5.62 37.01 -0.66
N ALA B 273 5.12 37.31 -1.86
CA ALA B 273 5.47 38.54 -2.55
C ALA B 273 4.94 39.75 -1.81
N GLU B 274 3.89 39.57 -1.02
CA GLU B 274 3.24 40.70 -0.30
C GLU B 274 3.63 40.80 1.19
N SER B 275 4.51 39.92 1.66
CA SER B 275 4.94 39.92 3.04
C SER B 275 6.28 40.59 3.06
N GLU B 276 6.46 41.56 3.95
CA GLU B 276 7.67 42.31 4.01
C GLU B 276 8.64 41.61 4.93
N GLY B 277 9.93 41.78 4.65
CA GLY B 277 10.96 41.29 5.53
C GLY B 277 11.86 40.29 4.86
N ALA B 278 12.95 40.01 5.56
CA ALA B 278 13.99 39.11 5.09
C ALA B 278 13.92 37.88 5.97
N ILE B 279 14.21 36.74 5.35
CA ILE B 279 14.15 35.45 6.02
C ILE B 279 15.54 34.83 6.05
N GLU B 280 15.76 33.92 7.00
CA GLU B 280 17.00 33.17 7.16
C GLU B 280 16.97 31.89 6.35
N ARG B 281 18.12 31.49 5.83
CA ARG B 281 18.29 30.14 5.31
C ARG B 281 18.08 29.16 6.45
N LYS B 282 17.30 28.10 6.20
CA LYS B 282 17.02 27.09 7.22
C LYS B 282 17.64 25.74 6.92
N LEU B 283 17.70 25.39 5.66
CA LEU B 283 18.08 24.06 5.25
C LEU B 283 19.48 24.09 4.65
N SER B 284 20.43 23.46 5.32
CA SER B 284 21.82 23.38 4.87
C SER B 284 22.47 22.09 5.35
N TYR B 285 23.49 21.64 4.62
CA TYR B 285 24.35 20.57 5.10
C TYR B 285 25.81 20.96 4.88
N THR B 286 26.58 20.91 5.96
CA THR B 286 27.98 21.35 6.00
C THR B 286 29.00 20.22 6.11
N GLY B 287 28.58 19.10 6.71
CA GLY B 287 29.51 18.04 7.06
C GLY B 287 30.19 17.28 5.93
N GLU B 288 30.70 16.11 6.31
CA GLU B 288 31.48 15.24 5.43
C GLU B 288 30.56 14.35 4.59
N VAL B 289 30.94 14.04 3.35
CA VAL B 289 30.20 13.07 2.53
C VAL B 289 30.39 11.62 3.05
N LYS B 290 29.30 10.96 3.45
CA LYS B 290 29.39 9.60 4.02
C LYS B 290 29.28 8.50 2.96
N ALA B 291 29.72 7.31 3.34
CA ALA B 291 29.68 6.13 2.46
C ALA B 291 28.24 5.66 2.28
N ARG B 292 27.89 5.33 1.05
CA ARG B 292 26.54 4.88 0.75
C ARG B 292 26.36 3.44 1.17
N PRO B 293 25.12 3.04 1.49
CA PRO B 293 24.87 1.66 1.79
C PRO B 293 24.67 0.86 0.51
N ALA B 294 24.50 -0.45 0.66
CA ALA B 294 24.01 -1.30 -0.41
C ALA B 294 22.65 -0.77 -0.86
N ARG B 295 22.31 -0.96 -2.12
CA ARG B 295 21.03 -0.52 -2.62
C ARG B 295 19.87 -1.21 -1.90
N ILE B 296 18.82 -0.46 -1.61
CA ILE B 296 17.62 -1.05 -1.06
C ILE B 296 17.00 -1.95 -2.10
N THR B 297 16.61 -3.15 -1.70
CA THR B 297 15.98 -4.08 -2.60
C THR B 297 14.49 -3.81 -2.59
N GLU B 298 13.79 -4.42 -3.52
CA GLU B 298 12.33 -4.30 -3.58
C GLU B 298 11.60 -4.76 -2.29
N SER B 299 12.01 -5.90 -1.72
CA SER B 299 11.43 -6.36 -0.46
C SER B 299 11.68 -5.43 0.72
N GLU B 300 12.89 -4.91 0.82
CA GLU B 300 13.25 -3.97 1.89
C GLU B 300 12.42 -2.70 1.76
N PHE B 301 12.32 -2.23 0.52
CA PHE B 301 11.57 -1.05 0.18
C PHE B 301 10.08 -1.19 0.50
N LEU B 302 9.50 -2.31 0.09
CA LEU B 302 8.11 -2.59 0.40
C LEU B 302 7.89 -2.67 1.91
N TRP B 303 8.80 -3.30 2.63
CA TRP B 303 8.68 -3.40 4.08
C TRP B 303 8.75 -2.01 4.73
N GLN B 304 9.74 -1.20 4.36
CA GLN B 304 9.94 0.10 5.01
C GLN B 304 8.90 1.14 4.61
N HIS B 305 8.42 1.06 3.38
CA HIS B 305 7.36 1.96 2.95
C HIS B 305 6.08 1.69 3.74
N ASN B 306 5.69 0.43 3.88
CA ASN B 306 4.48 0.08 4.58
C ASN B 306 4.56 0.16 6.11
N GLN B 307 5.76 0.40 6.64
CA GLN B 307 5.93 0.83 8.04
C GLN B 307 5.37 2.22 8.31
N ASP B 308 5.14 3.02 7.27
CA ASP B 308 4.78 4.41 7.39
C ASP B 308 3.32 4.56 6.99
N PRO B 309 2.39 4.49 7.97
CA PRO B 309 0.98 4.44 7.60
C PRO B 309 0.50 5.63 6.82
N MET B 310 1.08 6.78 7.10
CA MET B 310 0.81 8.00 6.34
C MET B 310 1.20 7.82 4.89
N ALA B 311 2.41 7.32 4.65
CA ALA B 311 2.89 7.17 3.28
C ALA B 311 2.06 6.16 2.52
N VAL B 312 1.66 5.08 3.18
CA VAL B 312 0.82 4.06 2.58
C VAL B 312 -0.48 4.66 2.03
N ASP B 313 -1.19 5.35 2.93
CA ASP B 313 -2.46 5.98 2.61
CA ASP B 313 -2.48 5.98 2.63
C ASP B 313 -2.30 6.99 1.48
N LYS B 314 -1.37 7.92 1.64
CA LYS B 314 -1.29 9.10 0.73
C LYS B 314 -0.72 8.82 -0.64
N LEU B 315 0.21 7.87 -0.75
CA LEU B 315 0.71 7.53 -2.08
C LEU B 315 -0.44 6.99 -2.91
N ALA B 316 -1.16 6.04 -2.33
CA ALA B 316 -2.25 5.35 -3.01
C ALA B 316 -3.35 6.32 -3.34
N GLU B 317 -3.65 7.22 -2.41
CA GLU B 317 -4.69 8.22 -2.58
C GLU B 317 -4.38 9.21 -3.69
N GLY B 318 -3.14 9.70 -3.74
CA GLY B 318 -2.75 10.68 -4.73
C GLY B 318 -2.86 10.10 -6.12
N ILE B 319 -2.49 8.84 -6.22
CA ILE B 319 -2.64 8.08 -7.46
C ILE B 319 -4.12 7.95 -7.85
N ARG B 320 -4.97 7.55 -6.91
CA ARG B 320 -6.39 7.48 -7.20
C ARG B 320 -6.94 8.83 -7.68
N LYS B 321 -6.66 9.90 -6.95
CA LYS B 321 -7.17 11.23 -7.33
C LYS B 321 -6.65 11.71 -8.68
N PHE B 322 -5.36 11.52 -8.94
CA PHE B 322 -4.81 11.95 -10.24
C PHE B 322 -5.41 11.15 -11.40
N ALA B 323 -5.75 9.89 -11.17
CA ALA B 323 -6.41 9.07 -12.17
C ALA B 323 -7.86 9.48 -12.45
N ILE B 324 -8.56 9.87 -11.40
CA ILE B 324 -9.91 10.36 -11.55
C ILE B 324 -9.89 11.61 -12.41
N ASP B 325 -8.94 12.49 -12.13
CA ASP B 325 -8.80 13.72 -12.91
C ASP B 325 -8.39 13.44 -14.35
N GLN B 326 -7.63 12.38 -14.59
CA GLN B 326 -7.33 11.97 -15.97
C GLN B 326 -8.60 11.48 -16.70
N GLU B 327 -9.45 10.73 -16.00
CA GLU B 327 -10.72 10.27 -16.55
C GLU B 327 -11.62 11.44 -16.89
N LYS B 328 -11.68 12.40 -15.98
CA LYS B 328 -12.46 13.60 -16.24
C LYS B 328 -11.96 14.35 -17.45
N LEU B 329 -10.66 14.34 -17.66
CA LEU B 329 -10.06 15.00 -18.79
C LEU B 329 -10.46 14.26 -20.07
N GLU B 330 -10.48 12.92 -20.01
CA GLU B 330 -10.93 12.10 -21.14
C GLU B 330 -12.41 12.26 -21.43
N LYS B 331 -13.23 12.38 -20.39
CA LYS B 331 -14.66 12.63 -20.59
C LYS B 331 -14.84 13.95 -21.36
N MET B 332 -14.18 15.01 -20.90
CA MET B 332 -14.24 16.33 -21.53
C MET B 332 -13.80 16.32 -22.98
N ILE B 333 -12.65 15.72 -23.25
CA ILE B 333 -12.17 15.58 -24.62
C ILE B 333 -13.14 14.72 -25.43
N GLY B 334 -13.66 13.67 -24.83
CA GLY B 334 -14.57 12.73 -25.48
C GLY B 334 -15.80 13.42 -26.04
N ASP B 335 -16.30 14.40 -25.29
CA ASP B 335 -17.47 15.17 -25.70
C ASP B 335 -17.19 16.12 -26.86
N LEU B 336 -15.91 16.42 -27.11
CA LEU B 336 -15.51 17.29 -28.22
C LEU B 336 -15.10 16.58 -29.50
N LEU B 337 -15.09 15.24 -29.54
CA LEU B 337 -14.85 14.49 -30.80
C LEU B 337 -16.16 14.05 -31.48
C1 F6R C . -7.23 -16.35 9.94
C2 F6R C . -6.32 -16.25 11.14
C3 F6R C . -6.90 -15.59 12.37
C4 F6R C . -7.00 -14.07 12.17
C5 F6R C . -7.92 -13.44 13.22
C6 F6R C . -7.98 -11.92 13.19
O1 F6R C . -7.27 -17.65 9.34
O3 F6R C . -6.09 -16.00 13.50
O4 F6R C . -5.74 -13.43 12.26
O5 F6R C . -9.24 -13.93 12.96
O6 F6R C . -8.99 -11.48 14.11
P F6R C . -9.01 -9.97 14.68
O1P F6R C . -7.67 -9.76 15.34
O2P F6R C . -9.24 -9.15 13.43
O3P F6R C . -10.19 -9.97 15.62
C1 F6R D . 5.25 18.10 -7.90
C2 F6R D . 4.07 18.38 -8.80
C3 F6R D . 2.98 19.28 -8.26
C4 F6R D . 2.19 18.63 -7.11
C5 F6R D . 1.38 19.63 -6.29
C6 F6R D . 0.51 19.01 -5.20
O1 F6R D . 6.51 18.34 -8.54
O3 F6R D . 2.16 19.70 -9.36
O4 F6R D . 1.27 17.66 -7.62
O5 F6R D . 2.32 20.51 -5.65
O6 F6R D . -0.16 20.02 -4.42
P F6R D . -1.48 19.65 -3.54
O1P F6R D . -2.06 20.94 -3.02
O2P F6R D . -2.36 18.94 -4.52
O3P F6R D . -0.96 18.77 -2.43
C1 EDO E . 10.77 21.52 -11.66
O1 EDO E . 12.16 21.92 -11.68
C2 EDO E . 10.05 21.83 -12.99
O2 EDO E . 9.40 20.72 -13.59
#